data_3AQN
#
_entry.id   3AQN
#
_cell.length_a   132.400
_cell.length_b   132.400
_cell.length_c   176.291
_cell.angle_alpha   90.00
_cell.angle_beta   90.00
_cell.angle_gamma   90.00
#
_symmetry.space_group_name_H-M   'P 42 21 2'
#
loop_
_entity.id
_entity.type
_entity.pdbx_description
1 polymer 'Poly(A) polymerase'
2 non-polymer "ADENOSINE-5'-TRIPHOSPHATE"
3 non-polymer 'MAGNESIUM ION'
4 water water
#
_entity_poly.entity_id   1
_entity_poly.type   'polypeptide(L)'
_entity_poly.pdbx_seq_one_letter_code
;QVTVIPREQHAISRKDISENALKVMYRLNKAGYEAWLVGGGVRDLLLGKKPKDFDVTTNATPEQVRKLFRNCRLVGRRFR
LAHVMFGPEIIEVATFRGHHEGNVSDRTTSQRGQNGMLLRDNIFGSIEEDAQRRDFTINSLYYSVADFTVRDYVGGMKDL
KDGVIRLIGNPETRYREDPVRMLRAVRFAAKLGMRISPETAEPIPRLATLLNDIPPAHLFEESLKLLQAGYGYETYKLLC
EYHLFQPLFPTITRYFTENGDSPMERIIEQVLKNTDTRIHNDMRVNPAFLFAAMFWYPLLETAQKIAQESGLTYHDAFAL
AMNDVLDEACRSLAIPKRLTTLTRDIWQLQLRMSRRQGKRAWKLLEHPKFRAAYDLLALRAEVERNAELQRLVKWWGEFQ
VSAPPDQKGMLNELD
;
_entity_poly.pdbx_strand_id   A,B
#
loop_
_chem_comp.id
_chem_comp.type
_chem_comp.name
_chem_comp.formula
ATP non-polymer ADENOSINE-5'-TRIPHOSPHATE 'C10 H16 N5 O13 P3'
MG non-polymer 'MAGNESIUM ION' 'Mg 2'
#
# COMPACT_ATOMS: atom_id res chain seq x y z
N GLN A 1 -31.36 36.34 27.95
CA GLN A 1 -31.38 37.79 28.10
C GLN A 1 -30.47 38.54 27.08
N VAL A 2 -29.18 38.16 27.03
CA VAL A 2 -28.23 38.73 26.05
C VAL A 2 -28.08 37.87 24.79
N THR A 3 -29.09 37.92 23.93
CA THR A 3 -29.28 36.90 22.90
C THR A 3 -28.56 37.16 21.57
N VAL A 4 -28.22 38.42 21.28
CA VAL A 4 -27.54 38.73 20.01
C VAL A 4 -26.24 39.53 20.17
N ILE A 5 -25.13 38.92 19.79
CA ILE A 5 -23.81 39.49 20.03
C ILE A 5 -23.03 39.81 18.73
N PRO A 6 -22.73 41.11 18.52
CA PRO A 6 -22.22 41.78 17.30
C PRO A 6 -20.76 41.53 16.94
N ARG A 7 -20.47 41.62 15.64
CA ARG A 7 -19.17 41.30 15.07
C ARG A 7 -17.99 41.78 15.91
N GLU A 8 -18.06 43.01 16.42
CA GLU A 8 -16.92 43.55 17.13
C GLU A 8 -16.71 42.90 18.50
N GLN A 9 -17.77 42.81 19.30
CA GLN A 9 -17.62 42.27 20.65
C GLN A 9 -17.48 40.75 20.65
N HIS A 10 -17.82 40.11 19.54
CA HIS A 10 -17.65 38.66 19.48
C HIS A 10 -16.32 38.34 18.82
N ALA A 11 -15.64 37.32 19.36
CA ALA A 11 -14.33 37.05 18.86
C ALA A 11 -14.73 37.13 17.43
N ILE A 12 -14.06 38.04 16.76
CA ILE A 12 -14.46 38.45 15.43
C ILE A 12 -14.69 37.33 14.42
N SER A 13 -14.91 36.10 14.86
CA SER A 13 -15.10 35.10 13.85
C SER A 13 -15.32 35.96 12.63
N ARG A 14 -14.34 35.97 11.72
CA ARG A 14 -14.28 36.93 10.62
C ARG A 14 -14.72 36.27 9.33
N LYS A 15 -15.59 36.96 8.59
CA LYS A 15 -16.15 36.43 7.34
C LYS A 15 -15.05 35.84 6.45
N ASP A 16 -13.83 36.29 6.68
CA ASP A 16 -12.66 35.91 5.89
C ASP A 16 -12.22 34.49 6.16
N ILE A 17 -12.62 33.96 7.32
CA ILE A 17 -12.17 32.64 7.74
C ILE A 17 -13.28 31.60 7.59
N SER A 18 -14.29 31.96 6.80
CA SER A 18 -15.30 31.01 6.34
C SER A 18 -15.00 30.50 4.95
N GLU A 19 -14.91 29.18 4.79
CA GLU A 19 -14.60 28.59 3.50
C GLU A 19 -15.75 28.93 2.59
N ASN A 20 -15.52 29.02 1.28
CA ASN A 20 -16.60 29.48 0.41
C ASN A 20 -17.74 28.49 0.26
N ALA A 21 -18.26 28.09 1.41
CA ALA A 21 -19.62 27.62 1.58
C ALA A 21 -20.43 28.87 1.86
N LEU A 22 -19.78 30.03 1.73
CA LEU A 22 -20.48 31.29 1.77
C LEU A 22 -21.35 31.32 0.52
N LYS A 23 -20.82 30.78 -0.57
CA LYS A 23 -21.54 30.81 -1.82
C LYS A 23 -22.89 30.07 -1.69
N VAL A 24 -22.97 29.17 -0.71
CA VAL A 24 -24.24 28.47 -0.49
C VAL A 24 -25.23 29.22 0.42
N MET A 25 -24.71 29.97 1.40
CA MET A 25 -25.58 30.82 2.21
C MET A 25 -26.14 31.94 1.34
N TYR A 26 -25.27 32.51 0.50
CA TYR A 26 -25.60 33.62 -0.39
C TYR A 26 -26.82 33.29 -1.24
N ARG A 27 -26.84 32.10 -1.83
CA ARG A 27 -27.97 31.69 -2.63
C ARG A 27 -29.22 31.62 -1.76
N LEU A 28 -29.04 31.14 -0.54
CA LEU A 28 -30.14 31.07 0.42
C LEU A 28 -30.61 32.46 0.79
N ASN A 29 -29.67 33.31 1.18
CA ASN A 29 -29.99 34.67 1.58
C ASN A 29 -30.63 35.46 0.45
N LYS A 30 -30.03 35.38 -0.74
CA LYS A 30 -30.58 36.06 -1.91
C LYS A 30 -32.03 35.60 -2.17
N ALA A 31 -32.35 34.37 -1.81
CA ALA A 31 -33.64 33.79 -2.16
C ALA A 31 -34.75 33.96 -1.11
N GLY A 32 -34.58 34.90 -0.19
CA GLY A 32 -35.65 35.21 0.76
C GLY A 32 -35.63 34.41 2.04
N TYR A 33 -34.87 33.32 2.05
CA TYR A 33 -34.67 32.55 3.27
C TYR A 33 -33.50 33.14 4.04
N GLU A 34 -33.36 32.76 5.29
CA GLU A 34 -32.16 33.11 6.04
C GLU A 34 -31.33 31.85 6.20
N ALA A 35 -30.05 32.02 6.48
CA ALA A 35 -29.15 30.87 6.61
C ALA A 35 -28.02 31.13 7.60
N TRP A 36 -27.88 30.24 8.57
CA TRP A 36 -26.94 30.42 9.66
C TRP A 36 -25.93 29.30 9.78
N LEU A 37 -24.80 29.63 10.40
CA LEU A 37 -23.74 28.68 10.64
C LEU A 37 -23.89 28.18 12.07
N VAL A 38 -23.71 26.87 12.29
CA VAL A 38 -23.95 26.31 13.61
C VAL A 38 -22.88 25.37 14.17
N GLY A 39 -22.71 25.46 15.49
CA GLY A 39 -21.91 24.51 16.24
C GLY A 39 -20.46 24.31 15.84
N GLY A 40 -20.16 23.13 15.34
CA GLY A 40 -18.78 22.72 15.12
C GLY A 40 -17.85 23.88 14.86
N GLY A 41 -18.06 24.51 13.71
CA GLY A 41 -17.23 25.63 13.33
C GLY A 41 -17.37 26.81 14.27
N VAL A 42 -18.57 27.37 14.31
CA VAL A 42 -18.79 28.62 15.04
C VAL A 42 -18.17 28.56 16.43
N ARG A 43 -18.06 27.34 16.97
CA ARG A 43 -17.43 27.17 18.27
C ARG A 43 -15.95 27.43 18.14
N ASP A 44 -15.30 26.62 17.30
CA ASP A 44 -13.87 26.76 17.04
C ASP A 44 -13.51 28.15 16.56
N LEU A 45 -14.36 28.74 15.73
CA LEU A 45 -14.11 30.07 15.23
C LEU A 45 -14.05 31.09 16.37
N LEU A 46 -14.97 31.00 17.32
CA LEU A 46 -14.99 31.91 18.46
C LEU A 46 -13.85 31.60 19.43
N LEU A 47 -13.35 30.37 19.35
CA LEU A 47 -12.20 29.95 20.14
C LEU A 47 -10.92 30.30 19.38
N GLY A 48 -11.06 30.64 18.11
CA GLY A 48 -9.92 31.06 17.31
C GLY A 48 -9.47 29.98 16.36
N LYS A 49 -9.55 28.72 16.79
CA LYS A 49 -9.02 27.56 16.06
C LYS A 49 -9.68 27.33 14.70
N LYS A 50 -8.94 26.73 13.77
CA LYS A 50 -9.50 26.50 12.46
C LYS A 50 -10.61 25.48 12.58
N PRO A 51 -11.78 25.80 11.99
CA PRO A 51 -12.91 24.85 12.00
C PRO A 51 -12.50 23.62 11.21
N LYS A 52 -13.17 22.49 11.42
CA LYS A 52 -12.88 21.33 10.61
C LYS A 52 -14.09 21.04 9.74
N ASP A 53 -15.11 21.86 9.89
CA ASP A 53 -16.36 21.60 9.19
C ASP A 53 -17.25 22.83 9.26
N PHE A 54 -18.03 23.07 8.21
CA PHE A 54 -19.03 24.13 8.20
C PHE A 54 -20.41 23.59 7.83
N ASP A 55 -21.35 23.76 8.76
CA ASP A 55 -22.71 23.26 8.58
C ASP A 55 -23.68 24.44 8.67
N VAL A 56 -24.48 24.62 7.63
CA VAL A 56 -25.44 25.72 7.63
C VAL A 56 -26.85 25.21 7.92
N THR A 57 -27.65 26.08 8.53
CA THR A 57 -29.00 25.73 8.87
C THR A 57 -29.93 26.76 8.25
N THR A 58 -31.09 26.34 7.78
CA THR A 58 -32.02 27.25 7.12
C THR A 58 -33.48 26.98 7.46
N ASN A 59 -34.31 28.01 7.32
CA ASN A 59 -35.75 27.90 7.49
C ASN A 59 -36.42 27.59 6.16
N ALA A 60 -35.66 27.01 5.25
CA ALA A 60 -36.22 26.58 3.99
C ALA A 60 -36.65 25.13 4.14
N THR A 61 -37.82 24.79 3.61
CA THR A 61 -38.26 23.40 3.61
C THR A 61 -37.16 22.55 3.01
N PRO A 62 -36.97 21.33 3.53
CA PRO A 62 -36.07 20.43 2.80
C PRO A 62 -36.47 20.38 1.34
N GLU A 63 -37.75 20.63 1.09
CA GLU A 63 -38.30 20.71 -0.26
C GLU A 63 -37.84 21.96 -0.99
N GLN A 64 -37.94 23.09 -0.31
CA GLN A 64 -37.52 24.36 -0.89
C GLN A 64 -36.02 24.35 -1.17
N VAL A 65 -35.26 23.66 -0.32
CA VAL A 65 -33.80 23.57 -0.48
C VAL A 65 -33.44 22.71 -1.68
N ARG A 66 -34.18 21.61 -1.85
CA ARG A 66 -33.97 20.69 -2.97
C ARG A 66 -34.03 21.43 -4.31
N LYS A 67 -34.99 22.34 -4.41
CA LYS A 67 -35.29 23.04 -5.65
C LYS A 67 -34.28 24.15 -5.97
N LEU A 68 -33.93 24.95 -4.97
CA LEU A 68 -33.04 26.10 -5.14
C LEU A 68 -31.59 25.70 -5.34
N PHE A 69 -31.33 24.40 -5.47
CA PHE A 69 -29.97 23.94 -5.72
C PHE A 69 -29.84 22.94 -6.87
N ARG A 70 -30.91 22.79 -7.63
CA ARG A 70 -30.96 21.81 -8.71
C ARG A 70 -29.68 21.81 -9.56
N ASN A 71 -29.24 22.99 -9.98
CA ASN A 71 -28.02 23.15 -10.80
C ASN A 71 -26.80 22.56 -10.12
N CYS A 72 -26.88 22.38 -8.80
CA CYS A 72 -25.72 22.02 -7.98
C CYS A 72 -25.43 20.54 -7.86
N ARG A 73 -24.25 20.24 -7.32
CA ARG A 73 -23.82 18.88 -7.07
C ARG A 73 -24.24 18.44 -5.66
N LEU A 74 -25.54 18.29 -5.47
CA LEU A 74 -26.13 17.96 -4.17
C LEU A 74 -26.26 16.44 -3.95
N VAL A 75 -25.50 15.93 -2.98
CA VAL A 75 -25.41 14.50 -2.69
C VAL A 75 -26.55 14.03 -1.74
N GLY A 76 -27.07 12.83 -1.98
CA GLY A 76 -28.43 12.48 -1.56
C GLY A 76 -28.83 12.08 -0.13
N ARG A 77 -30.14 11.96 0.05
CA ARG A 77 -30.76 11.40 1.26
C ARG A 77 -30.83 12.25 2.52
N ARG A 78 -31.36 11.63 3.57
CA ARG A 78 -31.38 12.18 4.92
C ARG A 78 -32.49 13.16 5.13
N PHE A 79 -33.49 12.80 5.95
CA PHE A 79 -34.54 13.81 6.15
C PHE A 79 -33.92 15.11 6.66
N ARG A 80 -34.46 16.22 6.16
CA ARG A 80 -33.84 17.49 6.40
C ARG A 80 -32.45 17.27 5.85
N LEU A 81 -31.42 17.67 6.58
CA LEU A 81 -30.06 17.20 6.32
C LEU A 81 -29.55 17.17 4.87
N ALA A 82 -29.60 18.26 4.13
CA ALA A 82 -29.22 18.22 2.72
C ALA A 82 -27.71 18.40 2.58
N HIS A 83 -27.14 17.86 1.51
CA HIS A 83 -25.68 17.83 1.30
C HIS A 83 -25.24 18.41 -0.04
N VAL A 84 -24.21 19.25 0.00
CA VAL A 84 -23.69 19.85 -1.22
C VAL A 84 -22.17 19.68 -1.30
N MET A 85 -21.69 19.33 -2.50
CA MET A 85 -20.27 19.06 -2.74
C MET A 85 -19.55 20.12 -3.55
N PHE A 86 -18.25 20.28 -3.29
CA PHE A 86 -17.40 21.20 -4.04
C PHE A 86 -16.15 20.49 -4.53
N GLY A 87 -15.13 20.51 -3.66
CA GLY A 87 -13.88 19.80 -3.83
C GLY A 87 -13.71 18.76 -2.72
N PRO A 88 -12.85 19.08 -1.77
CA PRO A 88 -12.70 18.26 -0.57
C PRO A 88 -13.73 18.77 0.43
N GLU A 89 -14.55 19.72 -0.02
CA GLU A 89 -15.44 20.45 0.86
C GLU A 89 -16.86 19.95 0.67
N ILE A 90 -17.50 19.57 1.77
CA ILE A 90 -18.92 19.27 1.76
C ILE A 90 -19.62 20.18 2.75
N ILE A 91 -20.76 20.70 2.32
CA ILE A 91 -21.48 21.68 3.11
C ILE A 91 -22.84 21.13 3.50
N GLU A 92 -23.06 21.02 4.81
CA GLU A 92 -24.25 20.40 5.38
C GLU A 92 -25.36 21.44 5.52
N VAL A 93 -26.50 21.22 4.86
CA VAL A 93 -27.59 22.19 4.87
C VAL A 93 -28.91 21.64 5.41
N ALA A 94 -29.06 21.67 6.73
CA ALA A 94 -30.25 21.13 7.39
C ALA A 94 -31.26 22.22 7.73
N THR A 95 -32.53 21.81 7.82
CA THR A 95 -33.62 22.73 8.16
C THR A 95 -33.88 22.76 9.67
N PHE A 96 -34.29 23.91 10.18
CA PHE A 96 -34.62 24.04 11.59
C PHE A 96 -35.60 22.95 12.01
N ARG A 97 -35.82 22.81 13.31
CA ARG A 97 -36.81 21.89 13.86
C ARG A 97 -37.59 22.54 15.01
N GLY A 98 -38.66 21.89 15.46
CA GLY A 98 -39.49 22.47 16.50
C GLY A 98 -40.25 21.49 17.39
N ASN A 122 -45.75 21.52 11.95
CA ASN A 122 -45.71 20.59 13.08
C ASN A 122 -44.28 20.28 13.49
N ILE A 123 -43.46 19.88 12.51
CA ILE A 123 -42.11 19.41 12.76
C ILE A 123 -41.11 20.53 13.00
N PHE A 124 -41.04 21.46 12.04
CA PHE A 124 -40.01 22.48 12.05
C PHE A 124 -40.54 23.89 12.31
N GLY A 125 -39.64 24.81 12.60
CA GLY A 125 -40.02 26.18 12.89
C GLY A 125 -38.89 27.13 13.24
N SER A 126 -39.09 27.94 14.28
CA SER A 126 -38.25 29.09 14.61
C SER A 126 -36.77 28.85 14.92
N ILE A 127 -35.92 29.79 14.48
CA ILE A 127 -34.50 29.66 14.74
C ILE A 127 -34.31 29.38 16.22
N GLU A 128 -35.18 29.95 17.05
CA GLU A 128 -35.17 29.66 18.49
C GLU A 128 -35.59 28.22 18.75
N GLU A 129 -36.65 27.76 18.08
CA GLU A 129 -37.12 26.39 18.27
C GLU A 129 -36.08 25.33 17.92
N ASP A 130 -35.12 25.70 17.09
CA ASP A 130 -34.05 24.77 16.70
C ASP A 130 -32.96 24.74 17.76
N ALA A 131 -32.63 25.91 18.31
CA ALA A 131 -31.53 26.02 19.27
C ALA A 131 -31.65 25.03 20.42
N GLN A 132 -32.83 24.43 20.54
CA GLN A 132 -33.22 23.65 21.71
C GLN A 132 -32.95 22.15 21.56
N ARG A 133 -33.10 21.64 20.35
CA ARG A 133 -32.96 20.22 20.11
C ARG A 133 -31.48 19.85 20.00
N ARG A 134 -30.62 20.83 20.21
CA ARG A 134 -29.18 20.61 20.10
C ARG A 134 -28.55 20.28 21.44
N ASP A 135 -27.64 19.30 21.47
CA ASP A 135 -27.11 18.75 22.73
C ASP A 135 -26.35 19.66 23.71
N PHE A 136 -25.37 20.47 23.29
CA PHE A 136 -24.76 21.38 24.26
C PHE A 136 -24.82 22.87 23.96
N THR A 137 -24.53 23.71 24.96
CA THR A 137 -24.61 25.16 24.81
C THR A 137 -23.68 25.86 23.80
N ILE A 138 -22.38 25.56 23.83
CA ILE A 138 -21.47 25.97 22.79
C ILE A 138 -21.89 25.53 21.40
N ASN A 139 -22.15 24.24 21.23
CA ASN A 139 -22.41 23.71 19.90
C ASN A 139 -23.76 24.17 19.36
N SER A 140 -24.38 25.11 20.05
CA SER A 140 -25.61 25.71 19.56
C SER A 140 -25.58 27.22 19.46
N LEU A 141 -24.42 27.75 19.10
CA LEU A 141 -24.29 29.14 18.70
C LEU A 141 -24.56 29.27 17.20
N TYR A 142 -25.10 30.42 16.77
CA TYR A 142 -25.50 30.62 15.38
C TYR A 142 -24.84 31.87 14.78
N TYR A 143 -24.36 31.77 13.53
CA TYR A 143 -23.73 32.92 12.85
C TYR A 143 -24.39 33.20 11.50
N SER A 144 -24.79 34.46 11.29
CA SER A 144 -25.29 34.90 10.00
C SER A 144 -24.23 35.76 9.36
N VAL A 145 -23.87 35.42 8.12
CA VAL A 145 -22.91 36.24 7.38
C VAL A 145 -23.59 37.53 6.96
N ALA A 146 -24.93 37.49 6.91
CA ALA A 146 -25.72 38.63 6.46
C ALA A 146 -25.74 39.82 7.43
N ASP A 147 -25.28 39.62 8.66
CA ASP A 147 -25.28 40.70 9.65
C ASP A 147 -24.18 40.59 10.68
N PHE A 148 -23.34 39.57 10.52
CA PHE A 148 -22.12 39.41 11.31
C PHE A 148 -22.35 39.25 12.81
N THR A 149 -23.61 39.02 13.16
CA THR A 149 -24.01 38.76 14.53
C THR A 149 -23.98 37.27 14.77
N VAL A 150 -23.74 36.89 16.02
CA VAL A 150 -23.97 35.52 16.45
C VAL A 150 -25.14 35.50 17.44
N ARG A 151 -26.09 34.59 17.23
CA ARG A 151 -27.24 34.46 18.12
C ARG A 151 -27.04 33.38 19.21
N ASP A 152 -27.24 33.77 20.46
CA ASP A 152 -27.01 32.88 21.59
C ASP A 152 -28.30 32.67 22.33
N TYR A 153 -28.90 31.49 22.19
CA TYR A 153 -30.15 31.18 22.87
C TYR A 153 -29.95 30.20 24.03
N VAL A 154 -28.71 30.06 24.49
CA VAL A 154 -28.40 29.17 25.57
C VAL A 154 -27.32 29.86 26.37
N GLY A 155 -26.74 29.16 27.34
CA GLY A 155 -25.57 29.69 28.02
C GLY A 155 -24.54 30.06 26.96
N GLY A 156 -24.39 29.17 25.98
CA GLY A 156 -23.51 29.38 24.85
C GLY A 156 -22.33 30.28 25.15
N MET A 157 -22.43 31.52 24.71
CA MET A 157 -21.34 32.47 24.84
C MET A 157 -20.64 32.41 26.20
N LYS A 158 -21.41 32.59 27.28
CA LYS A 158 -20.79 32.59 28.60
C LYS A 158 -20.03 31.29 28.82
N ASP A 159 -20.72 30.18 28.58
CA ASP A 159 -20.14 28.86 28.81
C ASP A 159 -18.85 28.69 28.01
N LEU A 160 -18.86 29.19 26.77
CA LEU A 160 -17.70 29.09 25.92
C LEU A 160 -16.53 29.83 26.56
N LYS A 161 -16.82 31.05 27.02
CA LYS A 161 -15.83 31.85 27.71
C LYS A 161 -15.29 31.05 28.89
N ASP A 162 -16.22 30.49 29.67
CA ASP A 162 -15.92 29.86 30.97
C ASP A 162 -15.22 28.51 30.90
N GLY A 163 -15.34 27.82 29.77
CA GLY A 163 -14.80 26.48 29.65
C GLY A 163 -15.73 25.47 30.29
N VAL A 164 -16.95 25.37 29.74
CA VAL A 164 -18.05 24.59 30.31
C VAL A 164 -18.92 23.82 29.30
N ILE A 165 -18.91 22.50 29.39
CA ILE A 165 -19.79 21.67 28.59
C ILE A 165 -21.07 21.46 29.38
N ARG A 166 -22.19 21.92 28.83
CA ARG A 166 -23.43 21.98 29.60
C ARG A 166 -24.62 21.55 28.76
N LEU A 167 -25.17 20.36 29.02
CA LEU A 167 -26.28 19.85 28.22
C LEU A 167 -27.42 20.86 28.25
N ILE A 168 -28.28 20.83 27.24
CA ILE A 168 -29.24 21.91 27.03
C ILE A 168 -30.40 21.94 28.03
N GLY A 169 -31.28 20.94 28.00
CA GLY A 169 -32.48 20.97 28.83
C GLY A 169 -32.31 20.33 30.19
N ASN A 170 -33.05 19.26 30.41
CA ASN A 170 -32.85 18.42 31.58
C ASN A 170 -31.96 17.26 31.21
N PRO A 171 -30.73 17.25 31.75
CA PRO A 171 -29.84 16.11 31.52
C PRO A 171 -30.59 14.78 31.65
N GLU A 172 -31.09 14.50 32.84
CA GLU A 172 -31.77 13.24 33.13
C GLU A 172 -32.61 12.73 31.95
N THR A 173 -33.51 13.55 31.43
CA THR A 173 -34.44 13.10 30.40
C THR A 173 -33.71 12.82 29.11
N ARG A 174 -32.83 13.75 28.76
CA ARG A 174 -32.18 13.73 27.47
C ARG A 174 -31.31 12.51 27.32
N TYR A 175 -30.44 12.26 28.29
CA TYR A 175 -29.60 11.07 28.27
C TYR A 175 -30.43 9.85 27.98
N ARG A 176 -31.59 9.78 28.62
CA ARG A 176 -32.49 8.65 28.42
C ARG A 176 -33.00 8.61 26.98
N GLU A 177 -33.32 9.79 26.45
CA GLU A 177 -33.78 9.88 25.07
C GLU A 177 -32.71 9.38 24.08
N ASP A 178 -31.46 9.82 24.28
CA ASP A 178 -30.30 9.36 23.49
C ASP A 178 -29.09 9.17 24.41
N PRO A 179 -28.79 7.93 24.76
CA PRO A 179 -27.74 7.64 25.75
C PRO A 179 -26.37 8.07 25.26
N VAL A 180 -26.16 8.14 23.96
CA VAL A 180 -24.86 8.49 23.42
C VAL A 180 -24.51 9.94 23.71
N ARG A 181 -25.54 10.75 23.94
CA ARG A 181 -25.33 12.15 24.31
C ARG A 181 -24.35 12.23 25.46
N MET A 182 -24.24 11.12 26.19
CA MET A 182 -23.31 11.00 27.32
C MET A 182 -21.89 10.94 26.83
N LEU A 183 -21.68 10.11 25.81
CA LEU A 183 -20.36 9.92 25.23
C LEU A 183 -19.89 11.25 24.63
N ARG A 184 -20.72 11.84 23.77
CA ARG A 184 -20.36 13.13 23.20
C ARG A 184 -19.92 14.03 24.34
N ALA A 185 -20.83 14.30 25.27
CA ALA A 185 -20.51 15.15 26.41
C ALA A 185 -19.12 14.96 26.97
N VAL A 186 -18.66 13.71 27.05
CA VAL A 186 -17.36 13.42 27.66
C VAL A 186 -16.24 13.68 26.67
N ARG A 187 -16.57 13.55 25.38
CA ARG A 187 -15.64 13.78 24.28
C ARG A 187 -15.27 15.25 24.11
N PHE A 188 -16.27 16.12 23.98
CA PHE A 188 -16.03 17.55 23.95
C PHE A 188 -15.29 17.97 25.19
N ALA A 189 -15.59 17.30 26.30
CA ALA A 189 -14.96 17.61 27.58
C ALA A 189 -13.43 17.47 27.53
N ALA A 190 -12.96 16.46 26.81
CA ALA A 190 -11.53 16.19 26.71
C ALA A 190 -10.89 16.88 25.50
N LYS A 191 -11.63 16.94 24.39
CA LYS A 191 -11.13 17.59 23.19
C LYS A 191 -10.81 19.06 23.45
N LEU A 192 -11.83 19.85 23.78
CA LEU A 192 -11.63 21.21 24.24
C LEU A 192 -11.07 21.12 25.64
N GLY A 193 -10.56 22.22 26.20
CA GLY A 193 -9.88 22.14 27.48
C GLY A 193 -10.74 22.35 28.74
N MET A 194 -12.01 21.97 28.66
CA MET A 194 -12.99 22.44 29.63
C MET A 194 -13.69 21.37 30.42
N ARG A 195 -14.30 21.82 31.52
CA ARG A 195 -14.94 20.96 32.50
C ARG A 195 -16.44 20.79 32.26
N ILE A 196 -16.99 19.69 32.76
CA ILE A 196 -18.39 19.35 32.55
C ILE A 196 -19.28 19.94 33.64
N SER A 197 -20.38 20.54 33.20
CA SER A 197 -21.31 21.19 34.10
C SER A 197 -21.82 20.21 35.15
N PRO A 198 -21.77 20.62 36.43
CA PRO A 198 -22.29 19.86 37.57
C PRO A 198 -23.60 19.19 37.23
N GLU A 199 -24.62 20.00 36.94
CA GLU A 199 -25.93 19.50 36.55
C GLU A 199 -25.88 18.43 35.44
N THR A 200 -24.87 18.50 34.57
CA THR A 200 -24.76 17.65 33.37
C THR A 200 -23.85 16.45 33.60
N ALA A 201 -23.13 16.45 34.71
CA ALA A 201 -22.21 15.36 35.04
C ALA A 201 -22.83 14.33 35.97
N GLU A 202 -23.66 14.80 36.91
CA GLU A 202 -24.24 13.94 37.93
C GLU A 202 -24.86 12.67 37.34
N PRO A 203 -25.83 12.83 36.41
CA PRO A 203 -26.58 11.69 35.87
C PRO A 203 -25.74 10.60 35.19
N ILE A 204 -24.51 10.90 34.80
CA ILE A 204 -23.73 10.01 33.95
C ILE A 204 -23.34 8.68 34.60
N PRO A 205 -22.57 8.74 35.70
CA PRO A 205 -22.13 7.51 36.37
C PRO A 205 -23.29 6.55 36.65
N ARG A 206 -24.44 7.13 36.98
CA ARG A 206 -25.66 6.38 37.23
C ARG A 206 -26.16 5.78 35.92
N LEU A 207 -26.51 6.67 34.99
CA LEU A 207 -27.15 6.30 33.74
C LEU A 207 -26.24 5.61 32.73
N ALA A 208 -24.94 5.61 33.01
CA ALA A 208 -23.94 5.03 32.09
C ALA A 208 -24.41 3.73 31.44
N THR A 209 -24.86 2.78 32.22
CA THR A 209 -25.09 1.46 31.67
C THR A 209 -26.01 1.58 30.46
N LEU A 210 -26.88 2.56 30.48
CA LEU A 210 -27.87 2.73 29.42
C LEU A 210 -27.37 2.41 28.01
N LEU A 211 -26.05 2.41 27.82
CA LEU A 211 -25.44 2.30 26.51
C LEU A 211 -25.58 0.89 25.93
N ASN A 212 -25.87 -0.07 26.79
CA ASN A 212 -25.95 -1.46 26.34
C ASN A 212 -27.21 -1.69 25.54
N ASP A 213 -28.12 -0.72 25.58
CA ASP A 213 -29.35 -0.77 24.81
C ASP A 213 -29.10 -0.32 23.35
N ILE A 214 -27.94 0.30 23.13
CA ILE A 214 -27.61 0.90 21.84
C ILE A 214 -26.96 -0.06 20.86
N PRO A 215 -27.46 -0.07 19.62
CA PRO A 215 -26.93 -0.94 18.57
C PRO A 215 -25.41 -0.86 18.54
N PRO A 216 -24.72 -2.01 18.58
CA PRO A 216 -23.25 -1.99 18.62
C PRO A 216 -22.67 -1.16 17.46
N ALA A 217 -23.48 -0.95 16.43
CA ALA A 217 -23.08 -0.12 15.31
C ALA A 217 -22.78 1.29 15.81
N HIS A 218 -23.73 1.95 16.38
CA HIS A 218 -23.45 3.29 16.77
C HIS A 218 -22.28 3.34 17.71
N LEU A 219 -22.19 2.39 18.62
CA LEU A 219 -21.12 2.40 19.62
C LEU A 219 -19.74 2.33 18.98
N PHE A 220 -19.58 1.49 17.96
CA PHE A 220 -18.33 1.43 17.23
C PHE A 220 -18.01 2.83 16.69
N GLU A 221 -18.91 3.35 15.86
CA GLU A 221 -18.78 4.70 15.32
C GLU A 221 -18.26 5.69 16.35
N GLU A 222 -19.03 5.85 17.43
CA GLU A 222 -18.66 6.81 18.45
C GLU A 222 -17.47 6.38 19.29
N SER A 223 -17.06 5.12 19.17
CA SER A 223 -15.93 4.65 19.94
C SER A 223 -14.66 5.21 19.36
N LEU A 224 -14.73 5.55 18.08
CA LEU A 224 -13.57 6.00 17.34
C LEU A 224 -13.45 7.51 17.37
N LYS A 225 -14.57 8.19 17.54
CA LYS A 225 -14.54 9.63 17.68
C LYS A 225 -13.93 9.99 19.02
N LEU A 226 -13.83 9.02 19.90
CA LEU A 226 -13.35 9.25 21.24
C LEU A 226 -11.84 8.99 21.38
N LEU A 227 -11.38 7.86 20.87
CA LEU A 227 -9.97 7.47 21.04
C LEU A 227 -9.11 7.72 19.80
N GLN A 228 -9.75 7.80 18.64
CA GLN A 228 -9.03 7.83 17.38
C GLN A 228 -9.05 9.23 16.74
N ALA A 229 -9.37 10.26 17.52
CA ALA A 229 -9.41 11.61 16.97
C ALA A 229 -8.27 12.35 17.58
N GLY A 230 -7.35 11.57 18.14
CA GLY A 230 -6.14 12.13 18.69
C GLY A 230 -6.44 13.02 19.89
N TYR A 231 -7.38 12.57 20.71
CA TYR A 231 -7.53 13.13 22.05
C TYR A 231 -7.59 11.95 23.00
N GLY A 232 -7.80 10.78 22.43
CA GLY A 232 -7.63 9.50 23.11
C GLY A 232 -7.25 9.51 24.59
N TYR A 233 -6.00 9.82 24.92
CA TYR A 233 -5.57 9.74 26.33
C TYR A 233 -6.42 10.55 27.29
N GLU A 234 -6.62 11.84 27.00
CA GLU A 234 -7.49 12.66 27.85
C GLU A 234 -8.95 12.16 27.87
N THR A 235 -9.41 11.63 26.74
CA THR A 235 -10.78 11.12 26.63
C THR A 235 -10.96 9.71 27.25
N TYR A 236 -9.87 9.13 27.74
CA TYR A 236 -9.93 7.85 28.44
C TYR A 236 -9.72 8.08 29.93
N LYS A 237 -9.05 9.17 30.26
CA LYS A 237 -8.98 9.63 31.62
C LYS A 237 -10.40 9.92 32.10
N LEU A 238 -11.25 10.36 31.17
CA LEU A 238 -12.65 10.65 31.48
C LEU A 238 -13.50 9.41 31.39
N LEU A 239 -13.47 8.75 30.24
CA LEU A 239 -14.25 7.53 30.08
C LEU A 239 -14.09 6.53 31.23
N CYS A 240 -12.92 6.51 31.86
CA CYS A 240 -12.71 5.67 33.04
C CYS A 240 -13.25 6.34 34.29
N GLU A 241 -13.02 7.63 34.43
CA GLU A 241 -13.51 8.37 35.60
C GLU A 241 -15.03 8.65 35.63
N TYR A 242 -15.79 8.08 34.69
CA TYR A 242 -17.24 8.22 34.68
C TYR A 242 -17.92 6.91 34.34
N HIS A 243 -17.18 5.81 34.49
CA HIS A 243 -17.71 4.46 34.30
C HIS A 243 -18.48 4.31 32.98
N LEU A 244 -18.14 5.16 32.02
CA LEU A 244 -18.69 5.07 30.68
C LEU A 244 -17.83 4.13 29.85
N PHE A 245 -16.60 3.91 30.30
CA PHE A 245 -15.68 3.01 29.61
C PHE A 245 -16.19 1.58 29.64
N GLN A 246 -16.74 1.17 30.77
CA GLN A 246 -17.12 -0.22 30.97
C GLN A 246 -18.18 -0.75 30.00
N PRO A 247 -19.30 -0.04 29.85
CA PRO A 247 -20.35 -0.47 28.91
C PRO A 247 -19.82 -0.78 27.52
N LEU A 248 -18.73 -0.11 27.13
CA LEU A 248 -18.13 -0.25 25.81
C LEU A 248 -17.12 -1.38 25.73
N PHE A 249 -16.26 -1.45 26.74
CA PHE A 249 -15.22 -2.45 26.70
C PHE A 249 -15.27 -3.28 27.94
N PRO A 250 -16.32 -4.09 28.02
CA PRO A 250 -16.39 -5.07 29.09
C PRO A 250 -15.08 -5.84 29.18
N THR A 251 -14.71 -6.51 28.11
CA THR A 251 -13.57 -7.43 28.12
C THR A 251 -12.32 -6.85 28.78
N ILE A 252 -12.13 -5.55 28.66
CA ILE A 252 -10.96 -4.92 29.26
C ILE A 252 -11.19 -4.54 30.72
N THR A 253 -12.30 -3.81 30.97
CA THR A 253 -12.64 -3.37 32.33
C THR A 253 -12.25 -4.48 33.27
N ARG A 254 -12.67 -5.68 32.94
CA ARG A 254 -12.49 -6.81 33.81
C ARG A 254 -11.04 -6.99 34.22
N TYR A 255 -10.09 -6.69 33.34
CA TYR A 255 -8.70 -6.96 33.68
C TYR A 255 -7.92 -5.83 34.37
N PHE A 256 -8.55 -4.70 34.63
CA PHE A 256 -7.86 -3.66 35.38
C PHE A 256 -7.40 -4.19 36.74
N THR A 257 -6.32 -3.62 37.26
CA THR A 257 -5.83 -4.00 38.58
C THR A 257 -5.87 -2.78 39.49
N GLU A 258 -6.26 -2.96 40.74
CA GLU A 258 -6.30 -1.83 41.66
C GLU A 258 -4.95 -1.14 41.72
N ASN A 259 -3.88 -1.93 41.66
CA ASN A 259 -2.52 -1.41 41.52
C ASN A 259 -2.51 -0.16 40.65
N GLY A 260 -3.00 -0.29 39.43
CA GLY A 260 -3.02 0.79 38.46
C GLY A 260 -1.93 0.65 37.43
N ASP A 261 -0.99 -0.25 37.69
CA ASP A 261 0.22 -0.37 36.88
C ASP A 261 0.47 -1.74 36.27
N SER A 262 -0.60 -2.42 35.85
CA SER A 262 -0.44 -3.70 35.17
C SER A 262 0.11 -3.48 33.75
N PRO A 263 0.59 -4.55 33.09
CA PRO A 263 1.17 -4.24 31.78
C PRO A 263 0.08 -3.73 30.85
N MET A 264 -1.09 -4.35 30.89
CA MET A 264 -2.17 -3.98 30.00
C MET A 264 -2.64 -2.56 30.25
N GLU A 265 -2.53 -2.10 31.48
CA GLU A 265 -3.00 -0.76 31.81
C GLU A 265 -2.04 0.27 31.26
N ARG A 266 -0.75 -0.05 31.30
CA ARG A 266 0.28 0.85 30.79
C ARG A 266 0.16 0.90 29.28
N ILE A 267 -0.16 -0.25 28.69
CA ILE A 267 -0.22 -0.40 27.24
C ILE A 267 -1.35 0.43 26.64
N ILE A 268 -2.49 0.48 27.32
CA ILE A 268 -3.63 1.21 26.79
C ILE A 268 -3.35 2.70 26.89
N GLU A 269 -2.60 3.08 27.92
CA GLU A 269 -2.19 4.48 28.03
C GLU A 269 -1.32 4.81 26.83
N GLN A 270 -0.15 4.17 26.75
CA GLN A 270 0.81 4.47 25.71
C GLN A 270 0.19 4.49 24.30
N VAL A 271 -0.49 3.40 23.91
CA VAL A 271 -1.09 3.32 22.59
C VAL A 271 -1.98 4.51 22.29
N LEU A 272 -2.67 5.02 23.29
CA LEU A 272 -3.51 6.19 23.07
C LEU A 272 -2.65 7.44 22.95
N LYS A 273 -1.75 7.63 23.90
CA LYS A 273 -0.82 8.75 23.84
C LYS A 273 -0.23 8.83 22.44
N ASN A 274 0.17 7.67 21.94
CA ASN A 274 0.80 7.57 20.63
C ASN A 274 -0.17 7.81 19.48
N THR A 275 -1.32 7.14 19.48
CA THR A 275 -2.32 7.44 18.47
C THR A 275 -2.55 8.93 18.42
N ASP A 276 -2.58 9.57 19.58
CA ASP A 276 -2.76 11.01 19.67
C ASP A 276 -1.69 11.77 18.89
N THR A 277 -0.43 11.46 19.19
CA THR A 277 0.68 12.08 18.51
C THR A 277 0.53 11.93 16.99
N ARG A 278 0.27 10.70 16.55
CA ARG A 278 0.11 10.41 15.15
C ARG A 278 -0.87 11.37 14.47
N ILE A 279 -1.91 11.77 15.20
CA ILE A 279 -2.97 12.58 14.62
C ILE A 279 -2.62 14.07 14.59
N HIS A 280 -1.80 14.52 15.52
CA HIS A 280 -1.43 15.93 15.54
C HIS A 280 -0.30 16.21 14.57
N ASN A 281 0.29 15.15 14.03
CA ASN A 281 1.29 15.25 12.97
C ASN A 281 0.78 14.60 11.68
N ASP A 282 -0.53 14.67 11.45
CA ASP A 282 -1.11 14.38 10.15
C ASP A 282 -0.70 13.04 9.60
N MET A 283 -0.49 12.06 10.45
CA MET A 283 -0.20 10.70 9.96
C MET A 283 -1.40 9.77 10.00
N ARG A 284 -1.59 9.01 8.92
CA ARG A 284 -2.66 8.04 8.87
C ARG A 284 -2.56 7.11 10.07
N VAL A 285 -3.72 6.86 10.68
CA VAL A 285 -3.80 5.94 11.80
C VAL A 285 -4.68 4.75 11.45
N ASN A 286 -4.34 3.63 12.07
CA ASN A 286 -4.99 2.35 11.83
C ASN A 286 -5.86 1.97 13.04
N PRO A 287 -7.17 1.76 12.80
CA PRO A 287 -8.14 1.31 13.82
C PRO A 287 -7.84 -0.11 14.27
N ALA A 288 -7.64 -1.01 13.32
CA ALA A 288 -7.39 -2.42 13.64
C ALA A 288 -6.19 -2.58 14.55
N PHE A 289 -5.21 -1.70 14.41
CA PHE A 289 -4.08 -1.66 15.34
C PHE A 289 -4.57 -1.28 16.71
N LEU A 290 -5.22 -0.12 16.80
CA LEU A 290 -5.71 0.38 18.08
C LEU A 290 -6.24 -0.77 18.92
N PHE A 291 -7.19 -1.52 18.36
CA PHE A 291 -7.82 -2.61 19.09
C PHE A 291 -6.86 -3.74 19.45
N ALA A 292 -6.12 -4.25 18.49
CA ALA A 292 -5.28 -5.38 18.78
C ALA A 292 -4.41 -4.99 19.96
N ALA A 293 -4.14 -3.70 20.11
CA ALA A 293 -3.25 -3.23 21.16
C ALA A 293 -3.89 -3.37 22.53
N MET A 294 -5.10 -2.86 22.66
CA MET A 294 -5.80 -2.94 23.92
C MET A 294 -6.05 -4.37 24.32
N PHE A 295 -6.87 -5.07 23.53
CA PHE A 295 -7.19 -6.47 23.80
C PHE A 295 -6.02 -7.44 23.75
N TRP A 296 -4.80 -6.97 23.47
CA TRP A 296 -3.67 -7.89 23.39
C TRP A 296 -3.58 -8.70 24.66
N TYR A 297 -3.50 -8.01 25.79
CA TYR A 297 -3.29 -8.72 27.03
C TYR A 297 -4.44 -9.61 27.44
N PRO A 298 -5.69 -9.14 27.25
CA PRO A 298 -6.85 -10.02 27.40
C PRO A 298 -6.78 -11.21 26.45
N LEU A 299 -6.06 -11.08 25.36
CA LEU A 299 -5.87 -12.21 24.46
C LEU A 299 -4.72 -13.10 24.93
N LEU A 300 -3.71 -12.47 25.50
CA LEU A 300 -2.58 -13.21 26.02
C LEU A 300 -3.01 -14.04 27.24
N GLU A 301 -4.06 -13.56 27.92
CA GLU A 301 -4.57 -14.20 29.15
C GLU A 301 -5.52 -15.38 28.88
N THR A 302 -6.52 -15.12 28.04
CA THR A 302 -7.47 -16.14 27.62
C THR A 302 -6.76 -17.30 26.93
N ALA A 303 -5.57 -17.03 26.41
CA ALA A 303 -4.80 -18.08 25.74
C ALA A 303 -4.15 -19.01 26.76
N GLN A 304 -3.44 -18.43 27.71
CA GLN A 304 -2.80 -19.20 28.76
C GLN A 304 -3.81 -20.02 29.58
N LYS A 305 -5.01 -19.47 29.80
CA LYS A 305 -6.08 -20.18 30.51
C LYS A 305 -6.65 -21.34 29.69
N ILE A 306 -6.62 -21.19 28.37
CA ILE A 306 -7.06 -22.22 27.46
C ILE A 306 -5.97 -23.28 27.28
N ALA A 307 -4.74 -22.89 27.58
CA ALA A 307 -3.59 -23.79 27.50
C ALA A 307 -3.65 -24.92 28.54
N GLN A 308 -3.69 -24.56 29.82
CA GLN A 308 -3.69 -25.55 30.90
C GLN A 308 -5.05 -26.23 31.10
N GLU A 309 -6.12 -25.44 31.08
CA GLU A 309 -7.43 -25.95 31.43
C GLU A 309 -7.76 -27.09 30.49
N SER A 310 -7.13 -27.07 29.32
CA SER A 310 -7.41 -28.01 28.25
C SER A 310 -6.11 -28.22 27.47
N GLY A 311 -5.50 -29.38 27.65
CA GLY A 311 -4.11 -29.61 27.23
C GLY A 311 -3.75 -29.54 25.76
N LEU A 312 -4.12 -28.46 25.09
CA LEU A 312 -3.79 -28.25 23.68
C LEU A 312 -2.37 -27.73 23.55
N THR A 313 -1.92 -27.64 22.30
CA THR A 313 -0.69 -26.95 21.99
C THR A 313 -0.97 -25.45 22.08
N TYR A 314 0.07 -24.66 22.31
CA TYR A 314 -0.08 -23.21 22.45
C TYR A 314 -0.60 -22.56 21.17
N HIS A 315 -0.03 -22.96 20.03
CA HIS A 315 -0.45 -22.41 18.75
C HIS A 315 -1.94 -22.64 18.49
N ASP A 316 -2.41 -23.84 18.79
CA ASP A 316 -3.84 -24.15 18.66
C ASP A 316 -4.65 -23.45 19.74
N ALA A 317 -4.08 -23.37 20.94
CA ALA A 317 -4.72 -22.68 22.06
C ALA A 317 -4.99 -21.22 21.73
N PHE A 318 -3.92 -20.51 21.43
CA PHE A 318 -3.98 -19.11 21.02
C PHE A 318 -5.15 -18.84 20.08
N ALA A 319 -5.24 -19.61 19.01
CA ALA A 319 -6.22 -19.38 17.95
C ALA A 319 -7.66 -19.38 18.45
N LEU A 320 -7.97 -20.25 19.39
CA LEU A 320 -9.29 -20.24 20.00
C LEU A 320 -9.51 -18.92 20.73
N ALA A 321 -8.56 -18.59 21.60
CA ALA A 321 -8.64 -17.36 22.38
C ALA A 321 -8.98 -16.16 21.50
N MET A 322 -8.41 -16.13 20.29
CA MET A 322 -8.66 -15.05 19.34
C MET A 322 -10.15 -14.92 19.06
N ASN A 323 -10.75 -16.01 18.59
CA ASN A 323 -12.20 -16.06 18.45
C ASN A 323 -12.90 -15.51 19.68
N ASP A 324 -12.61 -16.09 20.85
CA ASP A 324 -13.26 -15.74 22.11
C ASP A 324 -13.27 -14.24 22.44
N VAL A 325 -12.08 -13.64 22.50
CA VAL A 325 -11.99 -12.22 22.82
C VAL A 325 -12.84 -11.39 21.86
N LEU A 326 -12.74 -11.72 20.58
CA LEU A 326 -13.48 -11.02 19.53
C LEU A 326 -15.00 -11.08 19.67
N ASP A 327 -15.56 -12.29 19.85
CA ASP A 327 -17.01 -12.44 19.90
C ASP A 327 -17.57 -11.56 20.98
N GLU A 328 -16.87 -11.49 22.11
CA GLU A 328 -17.39 -10.76 23.25
C GLU A 328 -17.31 -9.27 23.02
N ALA A 329 -16.16 -8.79 22.60
CA ALA A 329 -16.04 -7.38 22.26
C ALA A 329 -17.06 -7.04 21.19
N CYS A 330 -17.23 -7.95 20.22
CA CYS A 330 -18.21 -7.76 19.15
C CYS A 330 -19.61 -7.65 19.73
N ARG A 331 -19.77 -8.15 20.94
CA ARG A 331 -21.06 -8.17 21.60
C ARG A 331 -21.43 -6.76 22.04
N SER A 332 -20.42 -5.91 22.19
CA SER A 332 -20.62 -4.52 22.61
C SER A 332 -20.39 -3.53 21.46
N LEU A 333 -19.23 -3.61 20.83
CA LEU A 333 -18.93 -2.80 19.66
C LEU A 333 -19.09 -3.60 18.37
N ALA A 334 -19.85 -3.06 17.43
CA ALA A 334 -19.99 -3.68 16.12
C ALA A 334 -18.73 -3.50 15.27
N ILE A 335 -17.70 -4.27 15.59
CA ILE A 335 -16.44 -4.13 14.89
C ILE A 335 -16.48 -4.84 13.54
N PRO A 336 -16.29 -4.06 12.46
CA PRO A 336 -16.39 -4.47 11.05
C PRO A 336 -15.58 -5.71 10.76
N LYS A 337 -16.19 -6.66 10.06
CA LYS A 337 -15.53 -7.91 9.70
C LYS A 337 -14.19 -7.58 9.04
N ARG A 338 -14.12 -6.39 8.44
CA ARG A 338 -12.91 -5.86 7.85
C ARG A 338 -11.78 -5.82 8.87
N LEU A 339 -11.92 -4.92 9.84
CA LEU A 339 -10.87 -4.66 10.80
C LEU A 339 -10.47 -5.87 11.66
N THR A 340 -11.41 -6.78 11.91
CA THR A 340 -11.12 -7.94 12.76
C THR A 340 -10.08 -8.86 12.12
N THR A 341 -10.19 -9.04 10.80
CA THR A 341 -9.24 -9.86 10.05
C THR A 341 -7.83 -9.34 10.26
N LEU A 342 -7.62 -8.08 9.88
CA LEU A 342 -6.33 -7.41 10.05
C LEU A 342 -5.77 -7.64 11.45
N THR A 343 -6.60 -7.36 12.44
CA THR A 343 -6.23 -7.50 13.84
C THR A 343 -5.66 -8.90 14.08
N ARG A 344 -6.52 -9.92 13.93
CA ARG A 344 -6.08 -11.30 14.07
C ARG A 344 -4.67 -11.48 13.51
N ASP A 345 -4.46 -10.98 12.30
CA ASP A 345 -3.16 -11.06 11.65
C ASP A 345 -2.09 -10.33 12.45
N ILE A 346 -2.36 -9.10 12.88
CA ILE A 346 -1.39 -8.35 13.65
C ILE A 346 -0.93 -9.17 14.84
N TRP A 347 -1.87 -9.92 15.42
CA TRP A 347 -1.57 -10.76 16.58
C TRP A 347 -0.75 -11.98 16.15
N GLN A 348 -1.27 -12.74 15.20
CA GLN A 348 -0.58 -13.91 14.65
C GLN A 348 0.88 -13.60 14.42
N LEU A 349 1.14 -12.50 13.73
CA LEU A 349 2.50 -12.06 13.40
C LEU A 349 3.40 -12.08 14.62
N GLN A 350 2.79 -11.87 15.79
CA GLN A 350 3.53 -11.80 17.05
C GLN A 350 4.06 -13.18 17.48
N LEU A 351 3.44 -14.24 16.97
CA LEU A 351 3.95 -15.57 17.20
C LEU A 351 5.15 -15.81 16.31
N ARG A 352 5.02 -15.41 15.05
CA ARG A 352 6.06 -15.65 14.06
C ARG A 352 7.32 -14.83 14.32
N MET A 353 7.15 -13.54 14.59
CA MET A 353 8.27 -12.66 14.90
C MET A 353 9.04 -13.15 16.13
N SER A 354 8.41 -14.06 16.88
CA SER A 354 9.00 -14.63 18.10
C SER A 354 10.10 -15.64 17.78
N ARG A 355 9.75 -16.67 17.02
CA ARG A 355 10.71 -17.63 16.54
C ARG A 355 11.82 -16.93 15.81
N ARG A 356 13.08 -17.20 16.17
CA ARG A 356 14.17 -16.50 15.51
C ARG A 356 14.28 -17.19 14.18
N GLN A 357 13.42 -16.72 13.28
CA GLN A 357 13.10 -17.38 12.02
C GLN A 357 14.20 -17.19 11.00
N GLY A 358 14.29 -18.14 10.08
CA GLY A 358 15.31 -18.11 9.04
C GLY A 358 14.85 -17.35 7.80
N LYS A 359 14.93 -18.01 6.64
CA LYS A 359 14.61 -17.37 5.37
C LYS A 359 13.11 -17.15 5.15
N ARG A 360 12.30 -17.61 6.09
CA ARG A 360 10.87 -17.36 6.03
C ARG A 360 10.55 -15.92 6.40
N ALA A 361 11.55 -15.21 6.94
CA ALA A 361 11.39 -13.84 7.41
C ALA A 361 11.19 -12.83 6.28
N TRP A 362 11.72 -13.13 5.10
CA TRP A 362 11.51 -12.27 3.94
C TRP A 362 10.01 -12.15 3.67
N LYS A 363 9.33 -13.30 3.63
CA LYS A 363 7.88 -13.33 3.45
C LYS A 363 7.19 -12.41 4.45
N LEU A 364 7.55 -12.54 5.72
CA LEU A 364 7.00 -11.71 6.79
C LEU A 364 7.20 -10.22 6.53
N LEU A 365 8.45 -9.84 6.33
CA LEU A 365 8.79 -8.43 6.11
C LEU A 365 7.80 -7.83 5.14
N GLU A 366 7.27 -8.67 4.27
CA GLU A 366 6.38 -8.23 3.21
C GLU A 366 4.95 -8.02 3.68
N HIS A 367 4.53 -8.76 4.69
CA HIS A 367 3.13 -8.71 5.12
C HIS A 367 2.63 -7.28 5.17
N PRO A 368 1.38 -7.06 4.72
CA PRO A 368 0.69 -5.77 4.65
C PRO A 368 0.59 -5.11 6.02
N LYS A 369 0.62 -5.94 7.06
CA LYS A 369 0.47 -5.42 8.40
C LYS A 369 1.79 -5.27 9.14
N PHE A 370 2.88 -5.77 8.59
CA PHE A 370 4.06 -5.93 9.40
C PHE A 370 4.34 -4.66 10.17
N ARG A 371 4.07 -3.50 9.58
CA ARG A 371 4.31 -2.25 10.30
C ARG A 371 3.55 -2.24 11.63
N ALA A 372 2.24 -2.50 11.60
CA ALA A 372 1.49 -2.56 12.87
C ALA A 372 1.94 -3.68 13.80
N ALA A 373 2.21 -4.86 13.26
CA ALA A 373 2.69 -5.94 14.11
C ALA A 373 4.00 -5.49 14.76
N TYR A 374 4.89 -4.87 14.00
CA TYR A 374 6.09 -4.30 14.60
C TYR A 374 5.75 -3.32 15.72
N ASP A 375 4.97 -2.29 15.38
CA ASP A 375 4.53 -1.28 16.34
C ASP A 375 3.93 -1.86 17.63
N LEU A 376 3.41 -3.09 17.55
CA LEU A 376 2.88 -3.76 18.73
C LEU A 376 3.97 -4.51 19.48
N LEU A 377 4.89 -5.13 18.75
CA LEU A 377 6.06 -5.69 19.41
C LEU A 377 6.78 -4.54 20.09
N ALA A 378 6.72 -3.37 19.45
CA ALA A 378 7.31 -2.14 19.99
C ALA A 378 6.82 -1.88 21.41
N LEU A 379 5.51 -1.73 21.55
CA LEU A 379 4.87 -1.48 22.83
C LEU A 379 5.12 -2.63 23.81
N ARG A 380 4.67 -3.83 23.44
CA ARG A 380 4.88 -5.00 24.28
C ARG A 380 6.24 -5.00 24.98
N ALA A 381 7.30 -4.70 24.22
CA ALA A 381 8.65 -4.67 24.78
C ALA A 381 8.86 -3.51 25.74
N GLU A 382 8.27 -2.35 25.43
CA GLU A 382 8.42 -1.15 26.24
C GLU A 382 7.68 -1.22 27.58
N VAL A 383 6.44 -1.71 27.56
CA VAL A 383 5.60 -1.79 28.76
C VAL A 383 5.99 -2.96 29.67
N GLU A 384 6.28 -4.11 29.09
CA GLU A 384 6.70 -5.26 29.86
C GLU A 384 8.10 -5.01 30.39
N ARG A 385 8.75 -4.00 29.82
CA ARG A 385 10.08 -3.65 30.26
C ARG A 385 10.91 -4.93 30.26
N ASN A 386 10.70 -5.73 29.23
CA ASN A 386 11.35 -7.03 29.08
C ASN A 386 12.51 -6.85 28.11
N ALA A 387 13.68 -7.38 28.45
CA ALA A 387 14.84 -7.26 27.58
C ALA A 387 14.82 -8.33 26.48
N GLU A 388 14.32 -9.51 26.80
CA GLU A 388 14.17 -10.58 25.82
C GLU A 388 13.40 -10.07 24.60
N LEU A 389 12.29 -9.39 24.85
CA LEU A 389 11.48 -8.82 23.79
C LEU A 389 12.18 -7.61 23.20
N GLN A 390 12.84 -6.84 24.04
CA GLN A 390 13.49 -5.60 23.62
C GLN A 390 14.57 -5.89 22.58
N ARG A 391 14.94 -7.16 22.45
CA ARG A 391 15.97 -7.59 21.50
C ARG A 391 15.38 -7.93 20.13
N LEU A 392 14.26 -8.63 20.12
CA LEU A 392 13.55 -8.89 18.87
C LEU A 392 13.12 -7.58 18.24
N VAL A 393 13.04 -6.54 19.06
CA VAL A 393 12.74 -5.18 18.56
C VAL A 393 13.94 -4.53 17.88
N LYS A 394 15.09 -4.56 18.56
CA LYS A 394 16.30 -3.97 18.02
C LYS A 394 16.69 -4.73 16.75
N TRP A 395 16.47 -6.04 16.75
CA TRP A 395 16.81 -6.85 15.59
C TRP A 395 15.92 -6.51 14.40
N TRP A 396 14.62 -6.74 14.53
CA TRP A 396 13.67 -6.44 13.46
C TRP A 396 13.73 -4.99 13.01
N GLY A 397 14.29 -4.12 13.83
CA GLY A 397 14.46 -2.73 13.44
C GLY A 397 15.50 -2.63 12.35
N GLU A 398 16.60 -3.34 12.53
CA GLU A 398 17.68 -3.35 11.55
C GLU A 398 17.31 -4.19 10.33
N PHE A 399 16.85 -5.41 10.56
CA PHE A 399 16.54 -6.32 9.47
C PHE A 399 15.51 -5.70 8.52
N GLN A 400 14.92 -4.58 8.91
CA GLN A 400 13.85 -3.99 8.13
C GLN A 400 14.27 -2.73 7.38
N VAL A 401 15.46 -2.23 7.69
CA VAL A 401 15.98 -1.03 7.04
C VAL A 401 17.26 -1.33 6.29
N SER A 402 17.83 -2.50 6.55
CA SER A 402 19.10 -2.92 5.94
C SER A 402 18.95 -3.17 4.44
N ALA A 403 20.09 -3.40 3.77
CA ALA A 403 20.07 -3.79 2.37
C ALA A 403 20.09 -5.31 2.29
N PRO A 404 19.59 -5.88 1.17
CA PRO A 404 19.61 -7.32 0.95
C PRO A 404 20.99 -7.95 1.14
N PRO A 405 22.09 -7.24 0.81
CA PRO A 405 23.39 -7.75 1.25
C PRO A 405 23.39 -7.94 2.76
N ASP A 406 23.34 -6.84 3.51
CA ASP A 406 23.29 -6.90 4.96
C ASP A 406 22.23 -7.88 5.46
N GLN A 407 21.00 -7.71 5.00
CA GLN A 407 19.86 -8.56 5.38
C GLN A 407 20.16 -10.03 5.13
N LYS A 408 20.76 -10.31 3.99
CA LYS A 408 21.22 -11.67 3.67
C LYS A 408 21.97 -12.22 4.88
N GLY A 409 23.02 -11.51 5.28
CA GLY A 409 23.87 -11.91 6.39
C GLY A 409 23.14 -12.15 7.70
N MET A 410 22.36 -11.16 8.12
CA MET A 410 21.62 -11.26 9.38
C MET A 410 20.97 -12.62 9.53
N LEU A 411 20.44 -13.15 8.42
CA LEU A 411 19.73 -14.42 8.44
C LEU A 411 20.65 -15.62 8.59
N GLN B 1 22.39 -37.88 -36.08
CA GLN B 1 21.11 -37.22 -35.81
C GLN B 1 20.17 -38.16 -35.06
N VAL B 2 19.44 -37.63 -34.10
CA VAL B 2 18.54 -38.43 -33.26
C VAL B 2 17.20 -37.71 -33.02
N THR B 3 16.20 -38.07 -33.81
CA THR B 3 14.96 -37.31 -33.85
C THR B 3 13.98 -37.61 -32.70
N VAL B 4 13.91 -38.86 -32.25
CA VAL B 4 12.98 -39.20 -31.16
C VAL B 4 13.71 -39.85 -29.98
N ILE B 5 13.56 -39.27 -28.80
CA ILE B 5 14.18 -39.80 -27.60
C ILE B 5 13.12 -40.49 -26.74
N PRO B 6 13.44 -41.70 -26.23
CA PRO B 6 12.55 -42.50 -25.36
C PRO B 6 12.64 -42.10 -23.88
N ARG B 7 11.56 -42.30 -23.14
CA ARG B 7 11.52 -41.90 -21.74
C ARG B 7 12.59 -42.56 -20.86
N GLU B 8 13.26 -43.58 -21.40
CA GLU B 8 14.25 -44.36 -20.66
C GLU B 8 15.66 -43.88 -20.92
N GLN B 9 15.85 -43.21 -22.05
CA GLN B 9 17.14 -42.61 -22.35
C GLN B 9 17.08 -41.12 -22.07
N HIS B 10 15.88 -40.60 -21.84
CA HIS B 10 15.73 -39.16 -21.62
C HIS B 10 15.45 -38.79 -20.18
N ALA B 11 16.18 -37.79 -19.71
CA ALA B 11 16.26 -37.58 -18.30
C ALA B 11 14.83 -37.70 -17.89
N ILE B 12 14.55 -38.41 -16.82
CA ILE B 12 13.27 -39.06 -16.67
C ILE B 12 12.10 -38.17 -17.15
N SER B 13 12.15 -36.86 -16.99
CA SER B 13 11.05 -36.07 -17.47
C SER B 13 9.80 -36.86 -17.10
N ARG B 14 9.61 -37.00 -15.79
CA ARG B 14 8.57 -37.85 -15.25
C ARG B 14 7.21 -37.20 -15.40
N LYS B 15 6.30 -37.93 -16.03
CA LYS B 15 4.97 -37.44 -16.34
C LYS B 15 4.36 -36.62 -15.21
N ASP B 16 4.76 -36.97 -13.99
CA ASP B 16 4.16 -36.45 -12.75
C ASP B 16 4.61 -35.05 -12.35
N ILE B 17 5.70 -34.57 -12.94
CA ILE B 17 6.22 -33.24 -12.63
C ILE B 17 5.59 -32.19 -13.54
N SER B 18 4.53 -32.57 -14.24
CA SER B 18 3.97 -31.71 -15.27
C SER B 18 2.70 -30.94 -14.88
N GLU B 19 2.31 -31.00 -13.62
CA GLU B 19 1.14 -30.25 -13.16
C GLU B 19 -0.09 -30.77 -13.87
N ASN B 20 -1.15 -29.96 -14.01
CA ASN B 20 -2.25 -30.48 -14.80
C ASN B 20 -2.73 -29.66 -15.97
N ALA B 21 -1.77 -29.27 -16.81
CA ALA B 21 -2.06 -28.99 -18.20
C ALA B 21 -2.25 -30.33 -18.89
N LEU B 22 -1.89 -31.41 -18.18
CA LEU B 22 -2.07 -32.76 -18.69
C LEU B 22 -3.55 -32.97 -19.01
N LYS B 23 -4.41 -32.28 -18.29
CA LYS B 23 -5.84 -32.37 -18.55
C LYS B 23 -6.16 -31.71 -19.90
N VAL B 24 -5.33 -30.75 -20.30
CA VAL B 24 -5.51 -30.00 -21.55
C VAL B 24 -5.08 -30.77 -22.80
N MET B 25 -4.03 -31.58 -22.68
CA MET B 25 -3.58 -32.42 -23.77
C MET B 25 -4.45 -33.66 -23.91
N TYR B 26 -4.63 -34.39 -22.82
CA TYR B 26 -5.50 -35.56 -22.78
C TYR B 26 -6.79 -35.28 -23.56
N ARG B 27 -7.34 -34.09 -23.39
CA ARG B 27 -8.56 -33.70 -24.10
C ARG B 27 -8.34 -33.71 -25.61
N LEU B 28 -7.19 -33.20 -26.04
CA LEU B 28 -6.82 -33.20 -27.46
C LEU B 28 -6.51 -34.61 -27.95
N ASN B 29 -5.59 -35.29 -27.27
CA ASN B 29 -5.23 -36.65 -27.62
C ASN B 29 -6.46 -37.54 -27.80
N LYS B 30 -7.49 -37.28 -26.99
CA LYS B 30 -8.74 -38.03 -27.07
C LYS B 30 -9.51 -37.67 -28.34
N ALA B 31 -9.38 -36.43 -28.79
CA ALA B 31 -10.16 -35.94 -29.93
C ALA B 31 -9.55 -36.32 -31.29
N GLY B 32 -8.44 -37.03 -31.28
CA GLY B 32 -7.75 -37.40 -32.49
C GLY B 32 -6.79 -36.33 -32.94
N TYR B 33 -6.17 -35.66 -31.96
CA TYR B 33 -5.19 -34.62 -32.23
C TYR B 33 -3.85 -34.96 -31.60
N GLU B 34 -2.89 -34.06 -31.75
CA GLU B 34 -1.56 -34.30 -31.21
C GLU B 34 -1.24 -33.28 -30.15
N ALA B 35 -0.59 -33.73 -29.09
CA ALA B 35 -0.31 -32.86 -27.96
C ALA B 35 1.16 -32.84 -27.62
N TRP B 36 1.82 -31.72 -27.87
CA TRP B 36 3.22 -31.60 -27.52
C TRP B 36 3.47 -30.44 -26.58
N LEU B 37 4.44 -30.65 -25.68
CA LEU B 37 4.80 -29.65 -24.68
C LEU B 37 6.13 -28.98 -25.04
N VAL B 38 6.08 -27.70 -25.38
CA VAL B 38 7.22 -27.06 -26.04
C VAL B 38 7.97 -25.95 -25.31
N GLY B 39 9.29 -26.00 -25.44
CA GLY B 39 10.13 -24.90 -25.00
C GLY B 39 10.51 -24.87 -23.55
N GLY B 40 10.12 -23.80 -22.87
CA GLY B 40 10.62 -23.46 -21.56
C GLY B 40 10.72 -24.60 -20.57
N GLY B 41 9.58 -24.95 -19.98
CA GLY B 41 9.54 -26.01 -18.99
C GLY B 41 10.15 -27.31 -19.48
N VAL B 42 9.87 -27.70 -20.72
CA VAL B 42 10.36 -28.97 -21.26
C VAL B 42 11.89 -29.01 -21.31
N ARG B 43 12.49 -27.83 -21.48
CA ARG B 43 13.91 -27.66 -21.28
C ARG B 43 14.20 -27.97 -19.81
N ASP B 44 13.73 -27.08 -18.95
CA ASP B 44 13.94 -27.17 -17.50
C ASP B 44 13.77 -28.59 -16.96
N LEU B 45 12.69 -29.27 -17.37
CA LEU B 45 12.41 -30.62 -16.88
C LEU B 45 13.57 -31.57 -17.14
N LEU B 46 14.13 -31.49 -18.34
CA LEU B 46 15.30 -32.30 -18.70
C LEU B 46 16.49 -31.91 -17.84
N LEU B 47 16.57 -30.62 -17.54
CA LEU B 47 17.63 -30.09 -16.68
C LEU B 47 17.50 -30.63 -15.27
N GLY B 48 16.27 -30.96 -14.88
CA GLY B 48 15.97 -31.39 -13.52
C GLY B 48 15.14 -30.34 -12.79
N LYS B 49 15.39 -29.08 -13.16
CA LYS B 49 14.79 -27.89 -12.53
C LYS B 49 13.29 -27.74 -12.76
N LYS B 50 12.65 -26.95 -11.91
CA LYS B 50 11.20 -26.84 -11.94
C LYS B 50 10.73 -25.84 -12.97
N PRO B 51 9.94 -26.32 -13.92
CA PRO B 51 9.28 -25.56 -14.98
C PRO B 51 8.59 -24.34 -14.41
N LYS B 52 8.59 -23.24 -15.14
CA LYS B 52 7.89 -22.04 -14.71
C LYS B 52 6.68 -21.80 -15.59
N ASP B 53 6.76 -22.34 -16.80
CA ASP B 53 5.63 -22.33 -17.71
C ASP B 53 5.34 -23.74 -18.15
N PHE B 54 4.17 -23.92 -18.74
CA PHE B 54 3.87 -25.12 -19.50
C PHE B 54 3.04 -24.67 -20.69
N ASP B 55 3.65 -24.68 -21.88
CA ASP B 55 2.96 -24.25 -23.09
C ASP B 55 2.86 -25.48 -23.97
N VAL B 56 1.82 -25.55 -24.80
CA VAL B 56 1.65 -26.72 -25.66
C VAL B 56 1.35 -26.37 -27.11
N THR B 57 1.49 -27.37 -28.00
CA THR B 57 1.30 -27.18 -29.43
C THR B 57 0.51 -28.34 -30.05
N THR B 58 -0.22 -28.04 -31.13
CA THR B 58 -1.05 -29.05 -31.78
C THR B 58 -1.33 -28.83 -33.27
N ASN B 59 -1.48 -29.94 -34.00
CA ASN B 59 -1.87 -29.91 -35.39
C ASN B 59 -3.33 -29.55 -35.55
N ALA B 60 -3.96 -29.21 -34.43
CA ALA B 60 -5.37 -28.81 -34.46
C ALA B 60 -5.50 -27.33 -34.79
N THR B 61 -6.25 -27.02 -35.84
CA THR B 61 -6.50 -25.63 -36.20
C THR B 61 -7.07 -24.86 -35.00
N PRO B 62 -6.90 -23.53 -34.99
CA PRO B 62 -7.40 -22.69 -33.89
C PRO B 62 -8.93 -22.70 -33.74
N GLU B 63 -9.66 -22.89 -34.83
CA GLU B 63 -11.12 -22.99 -34.72
C GLU B 63 -11.51 -24.39 -34.24
N GLN B 64 -10.63 -25.35 -34.45
CA GLN B 64 -10.87 -26.71 -33.95
C GLN B 64 -10.64 -26.78 -32.46
N VAL B 65 -9.65 -26.02 -31.99
CA VAL B 65 -9.34 -25.94 -30.56
C VAL B 65 -10.44 -25.17 -29.85
N ARG B 66 -11.12 -24.32 -30.61
CA ARG B 66 -12.24 -23.53 -30.10
C ARG B 66 -13.44 -24.40 -29.73
N LYS B 67 -13.83 -25.30 -30.64
CA LYS B 67 -14.93 -26.22 -30.38
C LYS B 67 -14.64 -27.17 -29.23
N LEU B 68 -13.48 -27.83 -29.30
CA LEU B 68 -13.08 -28.80 -28.29
C LEU B 68 -12.86 -28.19 -26.91
N PHE B 69 -13.03 -26.87 -26.81
CA PHE B 69 -12.86 -26.17 -25.54
C PHE B 69 -13.92 -25.10 -25.29
N ARG B 70 -14.91 -25.00 -26.17
CA ARG B 70 -15.93 -23.97 -26.06
C ARG B 70 -16.57 -23.99 -24.68
N ASN B 71 -16.58 -25.16 -24.07
CA ASN B 71 -17.13 -25.33 -22.73
C ASN B 71 -16.19 -24.81 -21.65
N CYS B 72 -14.92 -24.65 -22.00
CA CYS B 72 -13.92 -24.18 -21.05
C CYS B 72 -13.81 -22.65 -21.01
N ARG B 73 -13.06 -22.18 -20.02
CA ARG B 73 -12.79 -20.76 -19.84
C ARG B 73 -11.58 -20.34 -20.67
N LEU B 74 -11.83 -19.98 -21.93
CA LEU B 74 -10.76 -19.62 -22.84
C LEU B 74 -10.52 -18.12 -22.86
N VAL B 75 -9.36 -17.71 -22.34
CA VAL B 75 -9.05 -16.31 -22.12
C VAL B 75 -8.40 -15.53 -23.29
N GLY B 76 -9.20 -14.77 -24.02
CA GLY B 76 -8.69 -13.82 -24.98
C GLY B 76 -7.98 -14.38 -26.21
N ARG B 77 -8.17 -13.74 -27.34
CA ARG B 77 -7.66 -14.23 -28.62
C ARG B 77 -6.14 -14.29 -28.82
N ARG B 78 -5.73 -13.51 -29.82
CA ARG B 78 -4.41 -13.50 -30.37
C ARG B 78 -4.69 -14.21 -31.68
N PHE B 79 -3.67 -14.49 -32.46
CA PHE B 79 -3.88 -15.24 -33.70
C PHE B 79 -3.14 -16.51 -33.32
N ARG B 80 -3.67 -17.64 -33.79
CA ARG B 80 -3.24 -18.95 -33.36
C ARG B 80 -3.36 -18.92 -31.85
N LEU B 81 -2.37 -19.45 -31.16
CA LEU B 81 -2.26 -19.26 -29.70
C LEU B 81 -3.60 -19.11 -28.92
N ALA B 82 -4.05 -20.22 -28.33
CA ALA B 82 -5.25 -20.19 -27.50
C ALA B 82 -4.89 -20.30 -26.01
N HIS B 83 -5.65 -19.58 -25.17
CA HIS B 83 -5.33 -19.48 -23.76
C HIS B 83 -6.38 -20.13 -22.86
N VAL B 84 -6.01 -21.24 -22.23
CA VAL B 84 -6.89 -21.95 -21.31
C VAL B 84 -6.64 -21.47 -19.90
N MET B 85 -7.71 -21.36 -19.11
CA MET B 85 -7.56 -20.92 -17.73
C MET B 85 -8.04 -21.91 -16.68
N PHE B 86 -7.13 -22.21 -15.76
CA PHE B 86 -7.40 -22.96 -14.53
C PHE B 86 -7.66 -21.95 -13.42
N GLY B 87 -6.87 -20.88 -13.47
CA GLY B 87 -6.71 -19.88 -12.42
C GLY B 87 -5.25 -19.53 -12.43
N PRO B 88 -4.63 -19.34 -11.24
CA PRO B 88 -3.17 -19.35 -11.10
C PRO B 88 -2.37 -20.43 -11.87
N GLU B 89 -3.04 -21.18 -12.75
CA GLU B 89 -2.36 -21.90 -13.83
C GLU B 89 -3.09 -21.59 -15.14
N ILE B 90 -2.41 -20.92 -16.07
CA ILE B 90 -2.94 -20.75 -17.43
C ILE B 90 -2.07 -21.46 -18.47
N ILE B 91 -2.74 -22.15 -19.37
CA ILE B 91 -2.06 -23.03 -20.32
C ILE B 91 -2.23 -22.53 -21.74
N GLU B 92 -1.09 -22.38 -22.42
CA GLU B 92 -1.07 -21.88 -23.79
C GLU B 92 -1.09 -23.00 -24.80
N VAL B 93 -2.14 -23.03 -25.61
CA VAL B 93 -2.28 -24.02 -26.66
C VAL B 93 -2.16 -23.38 -28.05
N ALA B 94 -1.02 -23.61 -28.69
CA ALA B 94 -0.71 -22.99 -29.98
C ALA B 94 -0.67 -24.00 -31.13
N THR B 95 -1.14 -23.57 -32.30
CA THR B 95 -1.14 -24.44 -33.45
C THR B 95 0.21 -24.37 -34.16
N PHE B 96 0.65 -25.50 -34.70
CA PHE B 96 1.91 -25.59 -35.41
C PHE B 96 1.88 -24.68 -36.62
N ARG B 97 3.03 -24.07 -36.93
CA ARG B 97 3.10 -23.22 -38.12
C ARG B 97 3.95 -23.89 -39.21
N GLY B 98 4.01 -23.29 -40.39
CA GLY B 98 4.67 -23.89 -41.54
C GLY B 98 5.89 -23.19 -42.11
N ASN B 122 -0.35 -23.39 -46.06
CA ASN B 122 0.90 -22.64 -46.01
C ASN B 122 1.19 -22.16 -44.59
N ILE B 123 0.13 -21.80 -43.89
CA ILE B 123 0.19 -21.17 -42.57
C ILE B 123 0.32 -22.18 -41.42
N PHE B 124 -0.58 -23.16 -41.40
CA PHE B 124 -0.57 -24.18 -40.36
C PHE B 124 0.05 -25.48 -40.89
N GLY B 125 1.13 -25.93 -40.25
CA GLY B 125 1.90 -27.06 -40.75
C GLY B 125 2.23 -28.17 -39.77
N SER B 126 3.38 -28.82 -40.01
CA SER B 126 3.80 -30.00 -39.26
C SER B 126 4.60 -29.64 -38.02
N ILE B 127 4.88 -30.65 -37.20
CA ILE B 127 5.72 -30.46 -36.02
C ILE B 127 7.11 -30.02 -36.43
N GLU B 128 7.68 -30.70 -37.43
CA GLU B 128 8.99 -30.33 -37.92
C GLU B 128 9.00 -28.88 -38.38
N GLU B 129 7.98 -28.51 -39.16
CA GLU B 129 7.83 -27.14 -39.61
C GLU B 129 7.93 -26.16 -38.44
N ASP B 130 7.08 -26.36 -37.43
CA ASP B 130 7.03 -25.48 -36.27
C ASP B 130 8.40 -25.33 -35.62
N ALA B 131 9.18 -26.40 -35.63
CA ALA B 131 10.45 -26.44 -34.92
C ALA B 131 11.41 -25.39 -35.45
N GLN B 132 11.34 -25.14 -36.75
CA GLN B 132 12.32 -24.28 -37.42
C GLN B 132 12.07 -22.80 -37.23
N ARG B 133 10.85 -22.44 -36.88
CA ARG B 133 10.53 -21.03 -36.72
C ARG B 133 10.78 -20.62 -35.29
N ARG B 134 11.14 -21.59 -34.47
CA ARG B 134 11.50 -21.32 -33.08
C ARG B 134 12.92 -20.85 -33.02
N ASP B 135 13.24 -20.00 -32.05
CA ASP B 135 14.56 -19.37 -31.98
C ASP B 135 15.73 -20.31 -31.66
N PHE B 136 16.05 -20.49 -30.39
CA PHE B 136 17.18 -21.35 -30.05
C PHE B 136 16.87 -22.84 -29.93
N THR B 137 17.93 -23.64 -29.93
CA THR B 137 17.83 -25.10 -29.91
C THR B 137 17.06 -25.68 -28.71
N ILE B 138 17.60 -25.48 -27.51
CA ILE B 138 16.99 -26.08 -26.32
C ILE B 138 15.54 -25.64 -26.13
N ASN B 139 15.25 -24.38 -26.45
CA ASN B 139 13.89 -23.85 -26.35
C ASN B 139 12.99 -24.37 -27.46
N SER B 140 13.43 -25.44 -28.10
CA SER B 140 12.64 -26.03 -29.16
C SER B 140 12.61 -27.54 -29.05
N LEU B 141 12.46 -28.01 -27.82
CA LEU B 141 12.25 -29.43 -27.56
C LEU B 141 10.77 -29.69 -27.27
N TYR B 142 10.28 -30.87 -27.65
CA TYR B 142 8.86 -31.22 -27.61
C TYR B 142 8.57 -32.49 -26.80
N TYR B 143 7.53 -32.48 -25.99
CA TYR B 143 7.15 -33.68 -25.22
C TYR B 143 5.74 -34.16 -25.53
N SER B 144 5.60 -35.47 -25.66
CA SER B 144 4.31 -36.11 -25.89
C SER B 144 3.95 -36.98 -24.71
N VAL B 145 2.93 -36.54 -23.99
CA VAL B 145 2.36 -37.33 -22.91
C VAL B 145 1.91 -38.65 -23.48
N ALA B 146 1.57 -38.63 -24.77
CA ALA B 146 1.02 -39.80 -25.44
C ALA B 146 2.05 -40.91 -25.62
N ASP B 147 3.32 -40.55 -25.77
CA ASP B 147 4.35 -41.60 -25.92
C ASP B 147 5.63 -41.38 -25.11
N PHE B 148 5.65 -40.37 -24.25
CA PHE B 148 6.77 -40.23 -23.34
C PHE B 148 8.08 -40.09 -24.11
N THR B 149 7.98 -39.58 -25.33
CA THR B 149 9.14 -39.32 -26.16
C THR B 149 9.33 -37.82 -26.35
N VAL B 150 10.59 -37.40 -26.45
CA VAL B 150 10.88 -36.01 -26.76
C VAL B 150 11.46 -35.93 -28.17
N ARG B 151 11.03 -34.93 -28.94
CA ARG B 151 11.44 -34.77 -30.35
C ARG B 151 12.46 -33.66 -30.58
N ASP B 152 13.57 -34.04 -31.22
CA ASP B 152 14.73 -33.18 -31.39
C ASP B 152 15.04 -32.96 -32.88
N TYR B 153 14.28 -32.08 -33.52
CA TYR B 153 14.51 -31.75 -34.91
C TYR B 153 15.70 -30.77 -35.07
N VAL B 154 16.33 -30.44 -33.95
CA VAL B 154 17.39 -29.44 -33.91
C VAL B 154 18.57 -30.03 -33.13
N GLY B 155 19.58 -29.22 -32.85
CA GLY B 155 20.68 -29.67 -32.00
C GLY B 155 20.14 -30.08 -30.64
N GLY B 156 19.38 -29.15 -30.04
CA GLY B 156 18.67 -29.38 -28.80
C GLY B 156 19.38 -30.24 -27.80
N MET B 157 18.93 -31.49 -27.70
CA MET B 157 19.47 -32.44 -26.73
C MET B 157 20.95 -32.27 -26.45
N LYS B 158 21.77 -32.19 -27.49
CA LYS B 158 23.21 -32.03 -27.27
C LYS B 158 23.53 -30.64 -26.74
N ASP B 159 23.07 -29.62 -27.45
CA ASP B 159 23.26 -28.25 -27.01
C ASP B 159 22.94 -28.12 -25.52
N LEU B 160 21.81 -28.73 -25.14
CA LEU B 160 21.31 -28.69 -23.77
C LEU B 160 22.30 -29.36 -22.81
N LYS B 161 22.86 -30.49 -23.23
CA LYS B 161 23.88 -31.16 -22.40
C LYS B 161 25.17 -30.34 -22.33
N ASP B 162 25.63 -29.89 -23.49
CA ASP B 162 26.92 -29.21 -23.59
C ASP B 162 26.85 -27.80 -23.01
N GLY B 163 25.64 -27.29 -22.91
CA GLY B 163 25.46 -25.96 -22.34
C GLY B 163 25.71 -24.90 -23.38
N VAL B 164 24.92 -24.97 -24.45
CA VAL B 164 25.13 -24.11 -25.61
C VAL B 164 23.85 -23.44 -26.11
N ILE B 165 23.81 -22.12 -26.02
CA ILE B 165 22.69 -21.37 -26.54
C ILE B 165 22.90 -21.23 -28.03
N ARG B 166 22.32 -22.10 -28.84
CA ARG B 166 22.51 -21.97 -30.31
C ARG B 166 21.25 -21.47 -31.00
N LEU B 167 21.43 -20.65 -32.02
CA LEU B 167 20.30 -20.18 -32.83
C LEU B 167 19.98 -21.20 -33.91
N ILE B 168 18.83 -21.07 -34.56
CA ILE B 168 18.33 -22.15 -35.42
C ILE B 168 18.64 -22.06 -36.91
N GLY B 169 18.21 -20.98 -37.55
CA GLY B 169 18.46 -20.81 -38.97
C GLY B 169 19.84 -20.23 -39.25
N ASN B 170 19.86 -19.22 -40.12
CA ASN B 170 21.07 -18.46 -40.35
C ASN B 170 21.05 -17.24 -39.46
N PRO B 171 21.86 -17.24 -38.38
CA PRO B 171 21.93 -16.11 -37.47
C PRO B 171 21.78 -14.77 -38.20
N GLU B 172 22.68 -14.50 -39.15
CA GLU B 172 22.68 -13.25 -39.93
C GLU B 172 21.28 -12.78 -40.35
N THR B 173 20.45 -13.71 -40.82
CA THR B 173 19.14 -13.34 -41.34
C THR B 173 18.13 -13.17 -40.21
N ARG B 174 18.08 -14.14 -39.31
CA ARG B 174 17.13 -14.12 -38.19
C ARG B 174 17.21 -12.80 -37.41
N TYR B 175 18.41 -12.45 -36.97
CA TYR B 175 18.59 -11.20 -36.24
C TYR B 175 18.08 -9.97 -36.99
N ARG B 176 17.98 -10.06 -38.31
CA ARG B 176 17.54 -8.90 -39.09
C ARG B 176 16.03 -8.90 -39.21
N GLU B 177 15.47 -10.11 -39.23
CA GLU B 177 14.02 -10.29 -39.29
C GLU B 177 13.41 -9.83 -37.97
N ASP B 178 13.94 -10.34 -36.87
CA ASP B 178 13.59 -9.86 -35.52
C ASP B 178 14.83 -9.62 -34.65
N PRO B 179 15.25 -8.36 -34.53
CA PRO B 179 16.51 -8.01 -33.87
C PRO B 179 16.49 -8.40 -32.41
N VAL B 180 15.31 -8.32 -31.80
CA VAL B 180 15.16 -8.68 -30.39
C VAL B 180 15.62 -10.12 -30.11
N ARG B 181 15.72 -10.93 -31.19
CA ARG B 181 16.19 -12.29 -31.06
C ARG B 181 17.57 -12.27 -30.44
N MET B 182 18.29 -11.17 -30.65
CA MET B 182 19.64 -11.03 -30.14
C MET B 182 19.61 -10.87 -28.63
N LEU B 183 18.71 -10.01 -28.16
CA LEU B 183 18.58 -9.73 -26.75
C LEU B 183 18.34 -11.02 -25.98
N ARG B 184 17.45 -11.86 -26.50
CA ARG B 184 17.12 -13.11 -25.84
C ARG B 184 18.34 -14.03 -25.70
N ALA B 185 19.17 -14.08 -26.73
CA ALA B 185 20.36 -14.92 -26.69
C ALA B 185 21.19 -14.67 -25.42
N VAL B 186 21.41 -13.41 -25.09
CA VAL B 186 22.15 -13.05 -23.88
C VAL B 186 21.35 -13.48 -22.66
N ARG B 187 20.10 -13.03 -22.62
CA ARG B 187 19.19 -13.32 -21.53
C ARG B 187 19.23 -14.80 -21.10
N PHE B 188 19.12 -15.71 -22.06
CA PHE B 188 19.21 -17.14 -21.77
C PHE B 188 20.63 -17.50 -21.39
N ALA B 189 21.59 -16.86 -22.06
CA ALA B 189 22.98 -17.12 -21.76
C ALA B 189 23.26 -16.87 -20.27
N ALA B 190 22.72 -15.77 -19.75
CA ALA B 190 22.89 -15.43 -18.34
C ALA B 190 22.08 -16.35 -17.43
N LYS B 191 20.77 -16.44 -17.68
CA LYS B 191 19.86 -17.26 -16.87
C LYS B 191 20.46 -18.63 -16.53
N LEU B 192 20.59 -19.48 -17.55
CA LEU B 192 21.25 -20.77 -17.39
C LEU B 192 22.76 -20.58 -17.51
N GLY B 193 23.54 -21.55 -17.04
CA GLY B 193 24.99 -21.41 -17.04
C GLY B 193 25.65 -21.53 -18.40
N MET B 194 24.88 -21.29 -19.47
CA MET B 194 25.30 -21.61 -20.82
C MET B 194 26.04 -20.50 -21.56
N ARG B 195 26.85 -20.93 -22.53
CA ARG B 195 27.61 -20.05 -23.42
C ARG B 195 27.03 -20.03 -24.85
N ILE B 196 27.27 -18.93 -25.55
CA ILE B 196 26.69 -18.77 -26.88
C ILE B 196 27.58 -19.43 -27.92
N SER B 197 26.93 -20.07 -28.89
CA SER B 197 27.62 -20.67 -30.02
C SER B 197 28.34 -19.58 -30.77
N PRO B 198 29.55 -19.88 -31.28
CA PRO B 198 30.35 -18.93 -32.03
C PRO B 198 29.59 -18.29 -33.20
N GLU B 199 28.96 -19.11 -34.04
CA GLU B 199 28.24 -18.59 -35.20
C GLU B 199 27.12 -17.69 -34.71
N THR B 200 26.51 -18.07 -33.60
CA THR B 200 25.39 -17.37 -33.01
C THR B 200 25.83 -16.07 -32.35
N ALA B 201 27.12 -15.96 -32.05
CA ALA B 201 27.66 -14.80 -31.35
C ALA B 201 28.32 -13.79 -32.29
N GLU B 202 29.05 -14.28 -33.29
CA GLU B 202 29.77 -13.41 -34.23
C GLU B 202 29.01 -12.13 -34.58
N PRO B 203 27.77 -12.27 -35.07
CA PRO B 203 26.97 -11.18 -35.66
C PRO B 203 26.49 -10.11 -34.69
N ILE B 204 26.45 -10.40 -33.39
CA ILE B 204 25.72 -9.50 -32.49
C ILE B 204 26.39 -8.12 -32.39
N PRO B 205 27.67 -8.09 -32.03
CA PRO B 205 28.26 -6.76 -31.82
C PRO B 205 28.06 -5.82 -33.04
N ARG B 206 28.07 -6.42 -34.23
CA ARG B 206 27.95 -5.68 -35.47
C ARG B 206 26.51 -5.24 -35.66
N LEU B 207 25.62 -6.19 -35.42
CA LEU B 207 24.19 -6.02 -35.69
C LEU B 207 23.41 -5.37 -34.55
N ALA B 208 24.08 -5.16 -33.42
CA ALA B 208 23.41 -4.60 -32.24
C ALA B 208 22.63 -3.35 -32.64
N THR B 209 23.20 -2.47 -33.44
CA THR B 209 22.59 -1.19 -33.64
C THR B 209 21.15 -1.38 -34.11
N LEU B 210 20.87 -2.55 -34.65
CA LEU B 210 19.58 -2.83 -35.27
C LEU B 210 18.40 -2.70 -34.31
N LEU B 211 18.71 -2.53 -33.04
CA LEU B 211 17.67 -2.52 -32.03
C LEU B 211 16.85 -1.24 -32.05
N ASN B 212 17.37 -0.21 -32.67
CA ASN B 212 16.71 1.09 -32.63
C ASN B 212 15.59 1.18 -33.66
N ASP B 213 15.58 0.22 -34.57
CA ASP B 213 14.48 0.03 -35.50
C ASP B 213 13.41 -0.80 -34.79
N ILE B 214 13.48 -0.83 -33.46
CA ILE B 214 12.50 -1.55 -32.64
C ILE B 214 11.64 -0.58 -31.83
N PRO B 215 10.31 -0.79 -31.85
CA PRO B 215 9.35 0.05 -31.13
C PRO B 215 9.69 0.11 -29.65
N PRO B 216 9.94 1.31 -29.12
CA PRO B 216 10.38 1.50 -27.74
C PRO B 216 9.64 0.64 -26.71
N ALA B 217 8.35 0.37 -26.95
CA ALA B 217 7.56 -0.45 -26.04
C ALA B 217 8.09 -1.88 -25.98
N HIS B 218 8.19 -2.55 -27.10
CA HIS B 218 8.65 -3.92 -27.03
C HIS B 218 9.93 -3.99 -26.27
N LEU B 219 10.80 -3.03 -26.51
CA LEU B 219 12.08 -3.01 -25.80
C LEU B 219 11.84 -3.04 -24.30
N PHE B 220 11.12 -2.02 -23.83
CA PHE B 220 10.82 -1.88 -22.42
C PHE B 220 10.56 -3.23 -21.79
N GLU B 221 9.66 -4.00 -22.42
CA GLU B 221 9.36 -5.35 -21.94
C GLU B 221 10.64 -6.15 -21.70
N GLU B 222 11.46 -6.22 -22.73
CA GLU B 222 12.67 -7.01 -22.71
C GLU B 222 13.73 -6.47 -21.76
N SER B 223 13.70 -5.16 -21.50
CA SER B 223 14.65 -4.59 -20.56
C SER B 223 14.39 -5.18 -19.18
N LEU B 224 13.11 -5.40 -18.90
CA LEU B 224 12.68 -5.96 -17.63
C LEU B 224 12.89 -7.45 -17.63
N LYS B 225 12.61 -8.10 -18.76
CA LYS B 225 12.85 -9.54 -18.87
C LYS B 225 14.30 -9.89 -18.54
N LEU B 226 15.19 -8.92 -18.75
CA LEU B 226 16.63 -9.15 -18.61
C LEU B 226 17.13 -8.86 -17.19
N LEU B 227 16.85 -7.65 -16.72
CA LEU B 227 17.33 -7.22 -15.41
C LEU B 227 16.36 -7.59 -14.29
N GLN B 228 15.13 -7.18 -14.51
CA GLN B 228 14.09 -7.38 -13.53
C GLN B 228 13.62 -8.79 -13.73
N ALA B 229 14.53 -9.75 -13.56
CA ALA B 229 14.12 -11.14 -13.64
C ALA B 229 14.98 -12.00 -12.76
N GLY B 230 15.79 -11.36 -11.93
CA GLY B 230 16.55 -12.09 -10.94
C GLY B 230 17.83 -12.71 -11.47
N TYR B 231 18.27 -12.23 -12.63
CA TYR B 231 19.56 -12.59 -13.19
C TYR B 231 20.32 -11.32 -13.56
N GLY B 232 19.57 -10.26 -13.83
CA GLY B 232 20.09 -8.91 -13.95
C GLY B 232 21.59 -8.70 -14.02
N TYR B 233 22.32 -9.01 -12.95
CA TYR B 233 23.78 -8.78 -12.93
C TYR B 233 24.57 -9.59 -13.98
N GLU B 234 24.37 -10.89 -14.04
CA GLU B 234 25.05 -11.70 -15.04
C GLU B 234 24.62 -11.31 -16.45
N THR B 235 23.38 -10.83 -16.57
CA THR B 235 22.84 -10.43 -17.85
C THR B 235 23.33 -9.03 -18.26
N TYR B 236 23.90 -8.31 -17.30
CA TYR B 236 24.45 -6.98 -17.55
C TYR B 236 25.86 -7.12 -18.09
N LYS B 237 26.68 -7.92 -17.40
CA LYS B 237 27.98 -8.31 -17.89
C LYS B 237 27.86 -8.73 -19.35
N LEU B 238 26.87 -9.57 -19.66
CA LEU B 238 26.69 -10.09 -21.01
C LEU B 238 26.17 -9.06 -21.99
N LEU B 239 25.40 -8.09 -21.51
CA LEU B 239 24.91 -7.03 -22.39
C LEU B 239 25.99 -5.98 -22.67
N CYS B 240 26.98 -5.89 -21.81
CA CYS B 240 28.09 -4.97 -22.02
C CYS B 240 29.11 -5.61 -22.96
N GLU B 241 29.32 -6.91 -22.83
CA GLU B 241 30.31 -7.61 -23.66
C GLU B 241 29.81 -7.89 -25.08
N TYR B 242 28.65 -7.34 -25.44
CA TYR B 242 28.12 -7.51 -26.80
C TYR B 242 27.56 -6.21 -27.36
N HIS B 243 27.82 -5.10 -26.69
CA HIS B 243 27.40 -3.77 -27.17
C HIS B 243 25.90 -3.70 -27.40
N LEU B 244 25.18 -4.48 -26.59
CA LEU B 244 23.72 -4.51 -26.59
C LEU B 244 23.15 -3.56 -25.54
N PHE B 245 23.96 -3.24 -24.55
CA PHE B 245 23.56 -2.28 -23.53
C PHE B 245 23.38 -0.88 -24.12
N GLN B 246 24.30 -0.49 -24.99
CA GLN B 246 24.32 0.86 -25.50
C GLN B 246 23.05 1.28 -26.24
N PRO B 247 22.54 0.43 -27.15
CA PRO B 247 21.38 0.83 -27.93
C PRO B 247 20.21 1.20 -27.05
N LEU B 248 20.00 0.45 -25.96
CA LEU B 248 18.86 0.63 -25.06
C LEU B 248 19.02 1.81 -24.11
N PHE B 249 20.22 1.96 -23.56
CA PHE B 249 20.42 3.02 -22.59
C PHE B 249 21.55 3.88 -23.07
N PRO B 250 21.29 4.59 -24.14
CA PRO B 250 22.25 5.59 -24.60
C PRO B 250 22.60 6.50 -23.43
N THR B 251 21.57 7.15 -22.90
CA THR B 251 21.75 8.11 -21.83
C THR B 251 22.70 7.62 -20.75
N ILE B 252 22.88 6.30 -20.66
CA ILE B 252 23.74 5.75 -19.61
C ILE B 252 25.15 5.38 -20.04
N THR B 253 25.28 4.71 -21.18
CA THR B 253 26.59 4.27 -21.66
C THR B 253 27.54 5.47 -21.58
N ARG B 254 27.04 6.61 -22.00
CA ARG B 254 27.85 7.79 -22.21
C ARG B 254 28.65 8.16 -20.97
N TYR B 255 28.16 7.88 -19.78
CA TYR B 255 28.88 8.28 -18.58
C TYR B 255 29.82 7.20 -18.02
N PHE B 256 30.01 6.13 -18.79
CA PHE B 256 30.99 5.13 -18.41
C PHE B 256 32.35 5.79 -18.43
N THR B 257 33.34 5.12 -17.85
CA THR B 257 34.68 5.66 -17.83
C THR B 257 35.68 4.59 -18.18
N GLU B 258 36.85 5.03 -18.64
CA GLU B 258 37.92 4.09 -18.91
C GLU B 258 38.27 3.35 -17.62
N ASN B 259 38.28 4.08 -16.49
CA ASN B 259 38.79 3.52 -15.24
C ASN B 259 38.15 2.17 -14.85
N GLY B 260 36.87 1.99 -15.17
CA GLY B 260 36.18 0.75 -14.92
C GLY B 260 35.03 0.81 -13.92
N ASP B 261 35.23 1.56 -12.84
CA ASP B 261 34.24 1.64 -11.77
C ASP B 261 34.15 3.04 -11.16
N SER B 262 33.33 3.88 -11.80
CA SER B 262 32.93 5.23 -11.35
C SER B 262 31.76 5.10 -10.38
N PRO B 263 31.27 6.16 -9.74
CA PRO B 263 30.19 5.85 -8.78
C PRO B 263 29.08 5.11 -9.51
N MET B 264 28.70 5.60 -10.69
CA MET B 264 27.60 5.02 -11.43
C MET B 264 27.88 3.58 -11.86
N GLU B 265 29.13 3.28 -12.15
CA GLU B 265 29.47 1.97 -12.68
C GLU B 265 29.44 0.92 -11.59
N ARG B 266 29.38 1.38 -10.34
CA ARG B 266 29.26 0.49 -9.20
C ARG B 266 27.78 0.33 -8.85
N ILE B 267 27.11 1.48 -8.68
CA ILE B 267 25.70 1.47 -8.28
C ILE B 267 24.94 0.51 -9.18
N ILE B 268 25.09 0.66 -10.49
CA ILE B 268 24.39 -0.18 -11.44
C ILE B 268 24.63 -1.67 -11.17
N GLU B 269 25.86 -2.02 -10.80
CA GLU B 269 26.15 -3.42 -10.52
C GLU B 269 25.44 -3.84 -9.25
N GLN B 270 25.28 -2.90 -8.32
CA GLN B 270 24.69 -3.20 -7.01
C GLN B 270 23.16 -3.33 -7.04
N VAL B 271 22.49 -2.26 -7.46
CA VAL B 271 21.05 -2.28 -7.63
C VAL B 271 20.65 -3.54 -8.39
N LEU B 272 21.52 -4.01 -9.27
CA LEU B 272 21.25 -5.25 -9.97
C LEU B 272 21.47 -6.44 -9.06
N LYS B 273 22.71 -6.68 -8.68
CA LYS B 273 23.02 -7.75 -7.72
C LYS B 273 21.93 -7.90 -6.65
N ASN B 274 21.43 -6.77 -6.15
CA ASN B 274 20.39 -6.77 -5.12
C ASN B 274 19.01 -7.08 -5.67
N THR B 275 18.60 -6.40 -6.72
CA THR B 275 17.27 -6.63 -7.20
C THR B 275 17.25 -8.13 -7.37
N ASP B 276 18.40 -8.68 -7.74
CA ASP B 276 18.54 -10.11 -7.96
C ASP B 276 18.28 -10.94 -6.70
N THR B 277 18.94 -10.56 -5.60
CA THR B 277 18.76 -11.26 -4.34
C THR B 277 17.28 -11.24 -3.99
N ARG B 278 16.68 -10.05 -4.00
CA ARG B 278 15.24 -9.93 -3.82
C ARG B 278 14.52 -11.06 -4.55
N ILE B 279 14.56 -11.03 -5.88
CA ILE B 279 13.79 -11.97 -6.71
C ILE B 279 13.94 -13.45 -6.35
N HIS B 280 15.08 -13.82 -5.75
CA HIS B 280 15.33 -15.21 -5.39
C HIS B 280 14.84 -15.57 -3.99
N ASN B 281 14.90 -14.61 -3.07
CA ASN B 281 14.23 -14.77 -1.79
C ASN B 281 12.77 -14.39 -1.97
N ASP B 282 12.37 -14.36 -3.23
CA ASP B 282 10.97 -14.26 -3.64
C ASP B 282 10.25 -12.94 -3.38
N MET B 283 10.98 -11.91 -2.96
CA MET B 283 10.41 -10.59 -2.72
C MET B 283 9.97 -9.93 -4.01
N ARG B 284 9.01 -9.02 -3.94
CA ARG B 284 8.59 -8.31 -5.14
C ARG B 284 9.64 -7.22 -5.34
N VAL B 285 9.57 -6.54 -6.48
CA VAL B 285 10.53 -5.48 -6.74
C VAL B 285 9.97 -4.37 -7.60
N ASN B 286 10.41 -3.16 -7.31
CA ASN B 286 9.94 -1.96 -7.98
C ASN B 286 10.82 -1.60 -9.17
N PRO B 287 10.23 -1.59 -10.38
CA PRO B 287 11.01 -1.25 -11.59
C PRO B 287 11.27 0.24 -11.60
N ALA B 288 10.29 1.00 -11.14
CA ALA B 288 10.42 2.44 -11.00
C ALA B 288 11.63 2.74 -10.13
N PHE B 289 12.00 1.77 -9.30
CA PHE B 289 13.22 1.85 -8.49
C PHE B 289 14.44 1.55 -9.36
N LEU B 290 14.53 0.30 -9.81
CA LEU B 290 15.64 -0.13 -10.66
C LEU B 290 16.14 1.02 -11.53
N PHE B 291 15.23 1.65 -12.25
CA PHE B 291 15.59 2.72 -13.16
C PHE B 291 16.06 3.96 -12.43
N ALA B 292 15.22 4.50 -11.57
CA ALA B 292 15.60 5.66 -10.78
C ALA B 292 17.00 5.53 -10.19
N ALA B 293 17.49 4.29 -10.06
CA ALA B 293 18.84 4.05 -9.52
C ALA B 293 19.91 4.27 -10.57
N MET B 294 19.81 3.53 -11.66
CA MET B 294 20.74 3.67 -12.74
C MET B 294 20.86 5.12 -13.16
N PHE B 295 19.79 5.70 -13.65
CA PHE B 295 19.89 7.02 -14.26
C PHE B 295 20.32 8.07 -13.26
N TRP B 296 20.34 7.69 -11.98
CA TRP B 296 20.56 8.66 -10.93
C TRP B 296 21.72 9.60 -11.23
N TYR B 297 22.91 9.02 -11.30
CA TYR B 297 24.10 9.83 -11.51
C TYR B 297 24.04 10.67 -12.79
N PRO B 298 23.56 10.09 -13.90
CA PRO B 298 23.31 10.87 -15.11
C PRO B 298 22.46 12.10 -14.84
N LEU B 299 21.38 11.92 -14.07
CA LEU B 299 20.53 13.05 -13.70
C LEU B 299 21.35 14.09 -12.95
N LEU B 300 22.14 13.61 -12.01
CA LEU B 300 22.97 14.44 -11.16
C LEU B 300 23.91 15.29 -11.99
N GLU B 301 24.53 14.64 -12.98
CA GLU B 301 25.48 15.28 -13.88
C GLU B 301 24.80 16.38 -14.68
N THR B 302 23.57 16.12 -15.11
CA THR B 302 22.81 17.09 -15.89
C THR B 302 22.39 18.25 -14.99
N ALA B 303 22.32 17.97 -13.69
CA ALA B 303 22.04 19.01 -12.71
C ALA B 303 23.22 19.97 -12.63
N GLN B 304 24.42 19.42 -12.69
CA GLN B 304 25.64 20.24 -12.67
C GLN B 304 25.67 21.22 -13.83
N LYS B 305 25.66 20.71 -15.06
CA LYS B 305 25.69 21.56 -16.24
C LYS B 305 24.52 22.54 -16.21
N ILE B 306 23.31 22.04 -16.00
CA ILE B 306 22.13 22.89 -15.95
C ILE B 306 22.30 24.07 -14.98
N ALA B 307 23.11 23.88 -13.96
CA ALA B 307 23.25 24.87 -12.90
C ALA B 307 24.31 25.94 -13.19
N GLN B 308 25.57 25.51 -13.21
CA GLN B 308 26.68 26.44 -13.44
C GLN B 308 26.47 27.18 -14.76
N GLU B 309 26.00 26.46 -15.78
CA GLU B 309 25.59 27.06 -17.04
C GLU B 309 24.12 27.46 -16.96
N SER B 310 23.70 28.46 -17.71
CA SER B 310 22.30 28.82 -17.68
C SER B 310 21.97 29.00 -16.22
N GLY B 311 22.91 29.57 -15.49
CA GLY B 311 22.79 29.79 -14.06
C GLY B 311 21.42 30.06 -13.49
N LEU B 312 20.89 29.05 -12.78
CA LEU B 312 19.68 29.20 -11.98
C LEU B 312 19.73 28.32 -10.73
N THR B 313 18.66 28.39 -9.95
CA THR B 313 18.59 27.71 -8.66
C THR B 313 18.78 26.19 -8.77
N TYR B 314 19.34 25.57 -7.74
CA TYR B 314 19.61 24.12 -7.80
C TYR B 314 18.35 23.25 -7.71
N HIS B 315 17.27 23.82 -7.19
CA HIS B 315 16.02 23.08 -7.17
C HIS B 315 15.45 23.03 -8.59
N ASP B 316 15.21 24.20 -9.17
CA ASP B 316 14.66 24.31 -10.51
C ASP B 316 15.59 23.65 -11.54
N ALA B 317 16.89 23.69 -11.27
CA ALA B 317 17.89 23.08 -12.16
C ALA B 317 17.68 21.58 -12.22
N PHE B 318 17.76 20.95 -11.05
CA PHE B 318 17.46 19.53 -10.88
C PHE B 318 16.19 19.17 -11.64
N ALA B 319 15.13 19.93 -11.42
CA ALA B 319 13.82 19.66 -12.01
C ALA B 319 13.84 19.58 -13.54
N LEU B 320 14.76 20.33 -14.16
CA LEU B 320 14.94 20.29 -15.61
C LEU B 320 15.63 19.01 -16.04
N ALA B 321 16.77 18.75 -15.40
CA ALA B 321 17.53 17.53 -15.65
C ALA B 321 16.59 16.32 -15.68
N MET B 322 15.58 16.35 -14.81
CA MET B 322 14.59 15.26 -14.80
C MET B 322 13.94 15.12 -16.16
N ASN B 323 13.25 16.18 -16.59
CA ASN B 323 12.53 16.12 -17.85
C ASN B 323 13.35 15.60 -19.02
N ASP B 324 14.57 16.12 -19.17
CA ASP B 324 15.45 15.73 -20.28
C ASP B 324 15.93 14.30 -20.16
N VAL B 325 16.63 14.00 -19.06
CA VAL B 325 17.15 12.65 -18.83
C VAL B 325 16.07 11.61 -19.09
N LEU B 326 14.88 11.88 -18.59
CA LEU B 326 13.75 10.99 -18.78
C LEU B 326 13.23 11.04 -20.21
N ASP B 327 13.38 12.20 -20.83
CA ASP B 327 12.95 12.34 -22.21
C ASP B 327 13.75 11.40 -23.10
N GLU B 328 15.06 11.64 -23.19
CA GLU B 328 15.91 10.91 -24.14
C GLU B 328 16.14 9.46 -23.73
N ALA B 329 15.79 9.13 -22.50
CA ALA B 329 15.86 7.75 -22.04
C ALA B 329 14.60 7.06 -22.50
N CYS B 330 13.49 7.79 -22.36
CA CYS B 330 12.17 7.29 -22.75
C CYS B 330 12.15 7.27 -24.28
N ARG B 331 13.26 7.65 -24.88
CA ARG B 331 13.37 7.68 -26.34
C ARG B 331 13.80 6.33 -26.88
N SER B 332 14.46 5.54 -26.03
CA SER B 332 14.81 4.18 -26.41
C SER B 332 13.81 3.23 -25.76
N LEU B 333 13.93 3.01 -24.46
CA LEU B 333 12.90 2.24 -23.76
C LEU B 333 11.64 3.08 -23.68
N ALA B 334 10.49 2.46 -23.90
CA ALA B 334 9.24 3.18 -23.73
C ALA B 334 8.72 2.95 -22.32
N ILE B 335 9.13 3.80 -21.39
CA ILE B 335 8.64 3.68 -20.02
C ILE B 335 7.25 4.32 -19.91
N PRO B 336 6.29 3.58 -19.37
CA PRO B 336 4.90 4.00 -19.13
C PRO B 336 4.86 5.18 -18.18
N LYS B 337 3.92 6.09 -18.41
CA LYS B 337 3.85 7.31 -17.62
C LYS B 337 3.79 6.98 -16.13
N ARG B 338 3.13 5.88 -15.80
CA ARG B 338 3.04 5.41 -14.42
C ARG B 338 4.41 5.37 -13.76
N LEU B 339 5.30 4.54 -14.29
CA LEU B 339 6.61 4.35 -13.69
C LEU B 339 7.38 5.66 -13.55
N THR B 340 7.56 6.35 -14.66
CA THR B 340 8.31 7.61 -14.64
C THR B 340 7.90 8.49 -13.47
N THR B 341 6.60 8.54 -13.21
CA THR B 341 6.07 9.45 -12.21
C THR B 341 6.44 9.06 -10.78
N LEU B 342 6.63 7.77 -10.53
CA LEU B 342 7.15 7.31 -9.24
C LEU B 342 8.64 7.63 -9.19
N THR B 343 9.32 7.36 -10.30
CA THR B 343 10.72 7.67 -10.44
C THR B 343 10.91 9.13 -10.08
N ARG B 344 10.13 9.99 -10.68
CA ARG B 344 10.30 11.41 -10.46
C ARG B 344 10.25 11.62 -8.96
N ASP B 345 9.36 10.91 -8.30
CA ASP B 345 9.23 11.05 -6.84
C ASP B 345 10.43 10.49 -6.07
N ILE B 346 10.94 9.35 -6.49
CA ILE B 346 12.09 8.76 -5.79
C ILE B 346 13.24 9.73 -5.77
N TRP B 347 13.39 10.51 -6.85
CA TRP B 347 14.45 11.51 -6.93
C TRP B 347 14.09 12.72 -6.10
N GLN B 348 12.86 13.18 -6.25
CA GLN B 348 12.36 14.29 -5.47
C GLN B 348 12.71 14.11 -3.98
N LEU B 349 12.47 12.92 -3.45
CA LEU B 349 12.72 12.65 -2.05
C LEU B 349 14.19 12.78 -1.66
N GLN B 350 15.08 12.54 -2.61
CA GLN B 350 16.52 12.60 -2.37
C GLN B 350 17.01 13.98 -1.95
N LEU B 351 16.36 15.01 -2.46
CA LEU B 351 16.67 16.38 -2.09
C LEU B 351 16.05 16.71 -0.74
N ARG B 352 14.78 16.37 -0.60
CA ARG B 352 14.01 16.68 0.60
C ARG B 352 14.63 16.04 1.84
N MET B 353 14.95 14.76 1.75
CA MET B 353 15.60 14.06 2.85
C MET B 353 16.92 14.70 3.27
N SER B 354 17.68 15.17 2.28
CA SER B 354 19.01 15.73 2.51
C SER B 354 19.03 16.88 3.53
N ARG B 355 18.01 17.73 3.45
CA ARG B 355 17.87 18.88 4.34
C ARG B 355 17.41 18.42 5.72
N ARG B 356 18.35 18.17 6.62
CA ARG B 356 18.02 17.83 8.00
C ARG B 356 17.01 18.83 8.55
N GLN B 357 15.85 18.32 8.94
CA GLN B 357 14.73 19.14 9.38
C GLN B 357 13.70 18.34 10.17
N GLY B 358 12.73 19.05 10.76
CA GLY B 358 11.75 18.47 11.65
C GLY B 358 10.40 18.09 11.07
N LYS B 359 9.38 18.85 11.36
CA LYS B 359 8.03 18.36 11.38
C LYS B 359 7.57 17.64 10.12
N ARG B 360 8.14 17.99 8.98
CA ARG B 360 7.67 17.41 7.72
C ARG B 360 8.18 15.98 7.50
N ALA B 361 9.00 15.51 8.44
CA ALA B 361 9.51 14.15 8.40
C ALA B 361 8.39 13.12 8.54
N TRP B 362 7.29 13.49 9.19
CA TRP B 362 6.13 12.63 9.26
C TRP B 362 5.45 12.60 7.89
N LYS B 363 5.31 13.79 7.32
CA LYS B 363 4.75 13.98 5.97
C LYS B 363 5.50 13.14 4.94
N LEU B 364 6.81 13.02 5.14
CA LEU B 364 7.69 12.30 4.23
C LEU B 364 7.64 10.80 4.49
N LEU B 365 7.86 10.42 5.74
CA LEU B 365 7.87 9.03 6.16
C LEU B 365 6.65 8.32 5.61
N GLU B 366 5.59 9.09 5.40
CA GLU B 366 4.32 8.55 4.94
C GLU B 366 4.33 8.27 3.43
N HIS B 367 5.03 9.11 2.68
CA HIS B 367 5.09 8.99 1.23
C HIS B 367 5.17 7.54 0.78
N PRO B 368 4.34 7.15 -0.21
CA PRO B 368 4.22 5.81 -0.80
C PRO B 368 5.52 5.33 -1.44
N LYS B 369 6.35 6.28 -1.88
CA LYS B 369 7.60 5.92 -2.51
C LYS B 369 8.79 6.18 -1.61
N PHE B 370 8.53 6.42 -0.32
CA PHE B 370 9.61 6.57 0.66
C PHE B 370 10.48 5.31 0.70
N ARG B 371 9.85 4.16 0.91
CA ARG B 371 10.59 2.91 1.05
C ARG B 371 11.67 2.82 -0.03
N ALA B 372 11.25 2.93 -1.28
CA ALA B 372 12.20 2.97 -2.39
C ALA B 372 13.21 4.10 -2.15
N ALA B 373 12.74 5.33 -2.06
CA ALA B 373 13.61 6.48 -1.89
C ALA B 373 14.66 6.30 -0.80
N TYR B 374 14.34 5.56 0.25
CA TYR B 374 15.32 5.30 1.30
C TYR B 374 16.35 4.32 0.81
N ASP B 375 15.91 3.33 0.04
CA ASP B 375 16.81 2.35 -0.56
C ASP B 375 17.77 2.94 -1.64
N LEU B 376 17.38 4.06 -2.25
CA LEU B 376 18.29 4.80 -3.12
C LEU B 376 19.39 5.46 -2.27
N LEU B 377 18.99 6.30 -1.31
CA LEU B 377 19.93 6.87 -0.36
C LEU B 377 20.83 5.80 0.23
N ALA B 378 20.28 4.60 0.43
CA ALA B 378 21.05 3.45 0.88
C ALA B 378 22.26 3.23 -0.01
N LEU B 379 22.00 3.07 -1.30
CA LEU B 379 23.05 2.84 -2.28
C LEU B 379 23.93 4.08 -2.45
N ARG B 380 23.34 5.24 -2.66
CA ARG B 380 24.17 6.37 -2.97
C ARG B 380 25.23 6.47 -1.91
N ALA B 381 24.89 6.12 -0.67
CA ALA B 381 25.85 6.24 0.41
C ALA B 381 26.87 5.10 0.42
N GLU B 382 26.43 3.91 0.02
CA GLU B 382 27.33 2.76 -0.04
C GLU B 382 28.39 2.90 -1.13
N VAL B 383 27.98 3.37 -2.29
CA VAL B 383 28.87 3.52 -3.43
C VAL B 383 29.83 4.72 -3.31
N GLU B 384 29.32 5.90 -2.97
CA GLU B 384 30.16 7.08 -2.77
C GLU B 384 31.00 7.03 -1.47
N ARG B 385 30.67 6.07 -0.61
CA ARG B 385 31.27 5.94 0.73
C ARG B 385 31.40 7.28 1.44
N ASN B 386 30.48 8.19 1.12
CA ASN B 386 30.43 9.53 1.71
C ASN B 386 29.88 9.45 3.11
N ALA B 387 30.76 9.43 4.10
CA ALA B 387 30.37 9.20 5.50
C ALA B 387 29.27 10.14 5.98
N GLU B 388 29.19 11.31 5.37
CA GLU B 388 28.14 12.26 5.73
C GLU B 388 26.77 11.80 5.21
N LEU B 389 26.78 10.99 4.16
CA LEU B 389 25.55 10.37 3.63
C LEU B 389 25.12 9.19 4.50
N GLN B 390 26.02 8.26 4.72
CA GLN B 390 25.65 7.08 5.46
C GLN B 390 25.10 7.66 6.73
N ARG B 391 25.58 8.84 7.08
CA ARG B 391 25.15 9.49 8.31
C ARG B 391 23.64 9.75 8.26
N LEU B 392 23.20 10.41 7.18
CA LEU B 392 21.78 10.57 6.89
C LEU B 392 21.08 9.22 6.83
N VAL B 393 21.85 8.16 6.57
CA VAL B 393 21.29 6.82 6.42
C VAL B 393 20.99 6.14 7.75
N LYS B 394 21.84 6.39 8.75
CA LYS B 394 21.58 5.88 10.09
C LYS B 394 20.39 6.59 10.70
N TRP B 395 20.35 7.91 10.55
CA TRP B 395 19.28 8.72 11.10
C TRP B 395 17.92 8.28 10.60
N TRP B 396 17.69 8.38 9.30
CA TRP B 396 16.45 7.87 8.72
C TRP B 396 16.26 6.38 9.05
N GLY B 397 17.37 5.69 9.24
CA GLY B 397 17.33 4.28 9.55
C GLY B 397 16.57 4.05 10.84
N GLU B 398 16.95 4.82 11.87
CA GLU B 398 16.34 4.70 13.20
C GLU B 398 15.02 5.47 13.33
N PHE B 399 14.94 6.63 12.67
CA PHE B 399 13.72 7.43 12.73
C PHE B 399 12.51 6.73 12.12
N GLN B 400 12.73 5.55 11.54
CA GLN B 400 11.63 4.86 10.88
C GLN B 400 11.25 3.55 11.59
N VAL B 401 12.17 3.02 12.38
CA VAL B 401 11.88 1.84 13.18
C VAL B 401 11.54 2.27 14.61
N SER B 402 12.06 3.42 15.01
CA SER B 402 11.74 4.05 16.28
C SER B 402 10.23 4.31 16.45
N ALA B 403 9.78 4.34 17.71
CA ALA B 403 8.36 4.58 18.00
C ALA B 403 8.11 6.07 18.27
N PRO B 404 6.86 6.55 18.10
CA PRO B 404 6.47 7.96 18.17
C PRO B 404 7.01 8.82 19.32
N PRO B 405 7.14 8.28 20.56
CA PRO B 405 7.80 9.08 21.60
C PRO B 405 9.25 9.45 21.25
N ASP B 406 9.99 8.50 20.69
CA ASP B 406 11.36 8.75 20.25
C ASP B 406 11.39 9.59 18.96
N GLN B 407 10.53 9.24 18.00
CA GLN B 407 10.46 9.95 16.73
C GLN B 407 10.22 11.45 16.91
N LYS B 408 9.63 11.81 18.05
CA LYS B 408 9.42 13.22 18.40
C LYS B 408 10.74 13.83 18.86
N GLY B 409 11.42 13.11 19.74
CA GLY B 409 12.69 13.55 20.31
C GLY B 409 13.79 13.66 19.26
N MET B 410 13.64 12.91 18.17
CA MET B 410 14.59 12.94 17.08
C MET B 410 14.51 14.27 16.33
N LEU B 411 13.59 15.14 16.73
CA LEU B 411 13.43 16.41 16.05
C LEU B 411 13.64 17.62 17.00
PG ATP C . -17.04 18.83 17.01
O1G ATP C . -17.01 19.81 18.18
O2G ATP C . -16.24 17.56 17.26
O3G ATP C . -16.76 19.47 15.66
PB ATP C . -19.85 18.99 16.18
O1B ATP C . -20.71 19.68 17.22
O2B ATP C . -19.35 19.76 14.96
O3B ATP C . -18.57 18.30 16.94
PA ATP C . -21.76 17.47 14.56
O1A ATP C . -21.20 17.83 13.19
O2A ATP C . -22.40 16.12 14.77
O3A ATP C . -20.58 17.63 15.68
O5' ATP C . -22.86 18.57 15.00
C5' ATP C . -23.26 18.62 16.37
C4' ATP C . -24.60 19.30 16.56
O4' ATP C . -25.69 18.44 16.18
C3' ATP C . -24.76 19.63 18.04
O3' ATP C . -25.02 21.02 18.22
C2' ATP C . -25.93 18.77 18.50
O2' ATP C . -26.77 19.56 19.34
C1' ATP C . -26.66 18.30 17.24
N9 ATP C . -27.13 16.89 17.35
C8 ATP C . -26.62 15.83 16.66
N7 ATP C . -27.25 14.66 16.96
C5 ATP C . -28.20 14.95 17.88
C6 ATP C . -29.23 14.17 18.64
N6 ATP C . -29.38 12.83 18.47
N1 ATP C . -30.03 14.85 19.50
C2 ATP C . -29.91 16.19 19.68
N3 ATP C . -28.99 16.95 19.03
C4 ATP C . -28.12 16.41 18.12
MG MG D . -22.84 17.14 11.05
PG ATP E . 12.34 -19.11 -20.56
O1G ATP E . 13.47 -20.08 -20.86
O2G ATP E . 12.81 -17.80 -19.94
O3G ATP E . 11.15 -19.74 -19.85
PB ATP E . 10.68 -19.39 -22.97
O1B ATP E . 11.41 -20.13 -24.09
O2B ATP E . 9.69 -20.15 -22.09
O3B ATP E . 11.80 -18.65 -22.02
PA ATP E . 8.52 -17.96 -24.34
O1A ATP E . 7.40 -18.30 -23.37
O2A ATP E . 8.52 -16.64 -25.09
O3A ATP E . 9.95 -18.06 -23.56
O5' ATP E . 8.62 -19.11 -25.48
C5' ATP E . 9.80 -19.18 -26.28
C4' ATP E . 9.58 -19.93 -27.59
O4' ATP E . 8.87 -19.11 -28.54
C3' ATP E . 10.93 -20.26 -28.18
O3' ATP E . 11.06 -21.66 -28.41
C2' ATP E . 11.00 -19.45 -29.48
O2' ATP E . 11.55 -20.28 -30.49
C1' ATP E . 9.58 -19.02 -29.79
N9 ATP E . 9.50 -17.62 -30.34
C8 ATP E . 9.00 -16.56 -29.68
N7 ATP E . 9.07 -15.42 -30.43
C5 ATP E . 9.66 -15.74 -31.60
C6 ATP E . 10.05 -15.01 -32.85
N6 ATP E . 9.82 -13.68 -33.00
N1 ATP E . 10.63 -15.73 -33.85
C2 ATP E . 10.86 -17.05 -33.72
N3 ATP E . 10.53 -17.77 -32.62
C4 ATP E . 9.93 -17.20 -31.54
MG MG F . 5.88 -18.19 -26.05
#